data_6BU6
#
_entry.id   6BU6
#
_cell.length_a   92.215
_cell.length_b   96.572
_cell.length_c   193.056
_cell.angle_alpha   90.00
_cell.angle_beta   90.00
_cell.angle_gamma   90.00
#
_symmetry.space_group_name_H-M   'P 21 21 21'
#
loop_
_entity.id
_entity.type
_entity.pdbx_description
1 polymer 'Serine/threonine-protein kinase VRK1'
2 non-polymer "4,4'-(2-aminopyridine-3,5-diyl)bis(2,6-difluorophenol)"
3 non-polymer GLYCEROL
4 non-polymer 'CHLORIDE ION'
5 non-polymer 'SULFATE ION'
6 water water
#
_entity_poly.entity_id   1
_entity_poly.type   'polypeptide(L)'
_entity_poly.pdbx_seq_one_letter_code
;SMRVKAAQAGRQSSAKRHLAEQFAVGEIITDMAAAAWKVGLPIGQGGFGCIYLADMNSSESVGSDAPCVVKVEPSDNGPL
FTELKFYQRAAKPEQIQKWIRTRKLKYLGVPKYWGSGLHDKNGKSYRFMIMDRFGSDLQKIYEANAKRFSRKTVLQLSLR
ILDILEYIHEHEYVHGDIKASNLLLNYKNPDQVYLVDYGLAYRYCPEGVHKAYAADPKRCHDGTIEFTSIDAHNGVAPSR
RGDLEILGYCMIQWLTGHLPWEDNLKDPKYVRDSKIRYRENIASLMDKCFPAANAPGEIAKYMETVKLLDYTEKPLYENL
RDILLQGLKAIGSKDDGKLDLSVVENGGLKAKTITKKRAAEIEE
;
_entity_poly.pdbx_strand_id   A,B,C,D
#
# COMPACT_ATOMS: atom_id res chain seq x y z
N ALA A 20 44.49 11.39 36.88
CA ALA A 20 44.92 12.51 35.96
C ALA A 20 43.82 13.57 35.89
N GLU A 21 44.11 14.79 36.38
CA GLU A 21 43.12 15.88 36.36
C GLU A 21 42.94 16.37 34.94
N GLN A 22 41.70 16.49 34.50
CA GLN A 22 41.43 16.87 33.10
C GLN A 22 41.43 18.38 32.91
N PHE A 23 41.06 19.13 33.95
CA PHE A 23 41.00 20.58 33.88
C PHE A 23 41.76 21.26 35.03
N ALA A 24 42.11 22.51 34.82
CA ALA A 24 42.46 23.43 35.92
C ALA A 24 41.17 24.11 36.34
N VAL A 25 40.82 24.04 37.62
CA VAL A 25 39.49 24.53 38.05
C VAL A 25 39.39 26.00 37.78
N GLY A 26 38.25 26.47 37.22
CA GLY A 26 38.15 27.88 36.77
C GLY A 26 38.66 28.20 35.36
N GLU A 27 39.22 27.22 34.69
CA GLU A 27 39.71 27.51 33.34
C GLU A 27 38.56 27.68 32.36
N ILE A 28 38.85 28.40 31.29
CA ILE A 28 37.92 28.72 30.25
C ILE A 28 38.20 27.83 29.07
N ILE A 29 37.17 27.12 28.61
CA ILE A 29 37.30 26.20 27.49
C ILE A 29 36.34 26.69 26.40
N THR A 30 36.77 26.51 25.16
CA THR A 30 36.07 27.03 24.00
C THR A 30 35.67 25.83 23.14
N ASP A 31 34.38 25.78 22.80
CA ASP A 31 33.84 24.66 22.02
C ASP A 31 34.04 24.87 20.52
N MET A 32 33.62 23.91 19.72
N MET A 32 33.62 23.91 19.72
CA MET A 32 33.80 23.99 18.27
CA MET A 32 33.80 24.00 18.27
C MET A 32 33.03 25.12 17.59
C MET A 32 33.03 25.12 17.59
N ALA A 33 31.98 25.63 18.24
CA ALA A 33 31.23 26.79 17.74
C ALA A 33 31.79 28.12 18.28
N ALA A 34 32.96 28.07 18.91
CA ALA A 34 33.63 29.20 19.56
C ALA A 34 32.89 29.79 20.75
N ALA A 35 31.96 29.05 21.34
CA ALA A 35 31.29 29.47 22.56
C ALA A 35 32.23 29.19 23.75
N ALA A 36 32.31 30.13 24.67
CA ALA A 36 33.25 30.01 25.81
C ALA A 36 32.52 29.54 27.06
N TRP A 37 33.15 28.63 27.79
CA TRP A 37 32.61 28.03 29.01
C TRP A 37 33.67 28.06 30.10
N LYS A 38 33.25 28.08 31.35
CA LYS A 38 34.17 27.98 32.51
C LYS A 38 33.87 26.73 33.32
N VAL A 39 34.93 26.06 33.80
CA VAL A 39 34.81 24.79 34.48
C VAL A 39 34.80 24.99 35.99
N GLY A 40 33.89 24.31 36.69
CA GLY A 40 33.81 24.33 38.15
C GLY A 40 34.23 22.99 38.75
N LEU A 41 33.68 22.70 39.93
CA LEU A 41 34.01 21.49 40.70
C LEU A 41 33.27 20.28 40.20
N PRO A 42 33.77 19.07 40.52
CA PRO A 42 33.01 17.83 40.17
C PRO A 42 31.63 17.77 40.79
N ILE A 43 30.73 17.02 40.16
CA ILE A 43 29.36 16.87 40.70
C ILE A 43 29.00 15.38 40.68
N GLY A 44 28.44 14.91 41.80
CA GLY A 44 27.90 13.56 41.90
C GLY A 44 28.86 12.44 42.26
N GLN A 45 28.28 11.25 42.45
CA GLN A 45 29.00 10.07 42.97
C GLN A 45 29.53 9.14 41.86
N GLY A 46 30.09 9.71 40.79
CA GLY A 46 30.88 8.95 39.81
C GLY A 46 30.13 8.06 38.83
N GLY A 47 28.79 8.04 38.90
CA GLY A 47 27.97 7.15 38.09
C GLY A 47 28.08 7.35 36.59
N PHE A 48 28.23 8.61 36.15
CA PHE A 48 28.27 8.93 34.71
C PHE A 48 29.62 9.46 34.21
N GLY A 49 30.72 9.04 34.84
CA GLY A 49 32.07 9.37 34.37
C GLY A 49 32.57 10.69 34.90
N CYS A 50 33.53 11.28 34.19
CA CYS A 50 34.17 12.53 34.66
C CYS A 50 33.31 13.71 34.28
N ILE A 51 32.67 14.31 35.26
CA ILE A 51 31.70 15.38 35.05
C ILE A 51 31.96 16.50 36.06
N TYR A 52 31.91 17.72 35.54
CA TYR A 52 32.15 18.94 36.34
C TYR A 52 31.02 19.90 36.08
N LEU A 53 30.73 20.73 37.08
CA LEU A 53 29.81 21.84 36.91
C LEU A 53 30.45 22.81 35.90
N ALA A 54 29.60 23.54 35.20
CA ALA A 54 30.07 24.45 34.16
C ALA A 54 29.08 25.57 33.97
N ASP A 55 29.59 26.68 33.46
CA ASP A 55 28.72 27.80 33.13
C ASP A 55 29.32 28.55 31.96
N MET A 56 28.58 29.50 31.45
CA MET A 56 29.12 30.43 30.46
C MET A 56 30.33 31.16 31.04
N ASN A 57 31.26 31.51 30.20
CA ASN A 57 32.40 32.32 30.59
C ASN A 57 31.92 33.67 31.18
N SER A 58 32.45 34.00 32.35
CA SER A 58 32.25 35.29 33.01
C SER A 58 33.40 35.50 34.01
N SER A 59 33.43 36.69 34.61
CA SER A 59 34.37 36.98 35.68
C SER A 59 34.11 36.16 36.96
N GLU A 60 32.86 35.78 37.22
CA GLU A 60 32.50 34.98 38.39
C GLU A 60 33.02 33.53 38.29
N SER A 61 33.28 32.91 39.44
CA SER A 61 33.59 31.48 39.51
C SER A 61 32.31 30.67 39.27
N VAL A 62 32.49 29.42 38.85
CA VAL A 62 31.37 28.53 38.64
C VAL A 62 30.87 28.04 40.00
N GLY A 63 29.61 28.32 40.31
CA GLY A 63 29.03 28.00 41.61
C GLY A 63 28.36 26.65 41.70
N SER A 64 27.90 26.32 42.91
CA SER A 64 27.21 25.06 43.21
C SER A 64 25.86 24.91 42.51
N ASP A 65 25.26 26.05 42.10
CA ASP A 65 23.98 26.07 41.37
C ASP A 65 24.16 26.26 39.83
N ALA A 66 25.29 25.81 39.28
CA ALA A 66 25.60 25.97 37.87
C ALA A 66 24.53 25.31 36.99
N PRO A 67 24.13 25.97 35.89
CA PRO A 67 23.11 25.42 35.01
C PRO A 67 23.58 24.35 34.03
N CYS A 68 24.90 24.10 33.93
CA CYS A 68 25.42 23.11 32.97
C CYS A 68 26.42 22.19 33.63
N VAL A 69 26.71 21.11 32.93
CA VAL A 69 27.82 20.26 33.28
C VAL A 69 28.64 20.05 32.04
N VAL A 70 29.91 19.75 32.27
CA VAL A 70 30.78 19.37 31.20
C VAL A 70 31.21 17.94 31.47
N LYS A 71 31.01 17.09 30.46
CA LYS A 71 31.48 15.71 30.49
C LYS A 71 32.77 15.67 29.70
N VAL A 72 33.79 15.00 30.23
CA VAL A 72 35.09 14.93 29.58
C VAL A 72 35.64 13.54 29.66
N GLU A 73 36.14 13.03 28.55
CA GLU A 73 36.69 11.69 28.47
C GLU A 73 37.80 11.72 27.45
N PRO A 74 38.73 10.73 27.51
CA PRO A 74 39.69 10.65 26.43
C PRO A 74 39.02 10.62 25.05
N SER A 75 39.67 11.22 24.04
CA SER A 75 39.12 11.26 22.69
C SER A 75 38.90 9.87 22.09
N ASP A 76 39.65 8.87 22.54
CA ASP A 76 39.44 7.48 22.14
C ASP A 76 38.35 6.70 22.89
N ASN A 77 37.69 7.36 23.87
CA ASN A 77 36.54 6.77 24.58
C ASN A 77 35.35 6.61 23.61
N GLY A 78 34.97 5.36 23.35
CA GLY A 78 33.89 5.06 22.41
C GLY A 78 32.53 5.57 22.86
N PRO A 79 32.16 5.32 24.13
CA PRO A 79 30.83 5.77 24.56
C PRO A 79 30.58 7.27 24.45
N LEU A 80 31.56 8.11 24.80
CA LEU A 80 31.33 9.55 24.71
C LEU A 80 31.19 9.97 23.25
N PHE A 81 31.89 9.34 22.33
CA PHE A 81 31.71 9.65 20.90
C PHE A 81 30.28 9.27 20.46
N THR A 82 29.84 8.06 20.84
CA THR A 82 28.50 7.62 20.53
C THR A 82 27.44 8.58 21.08
N GLU A 83 27.62 8.96 22.33
CA GLU A 83 26.70 9.85 23.01
C GLU A 83 26.67 11.22 22.37
N LEU A 84 27.85 11.74 22.06
CA LEU A 84 27.96 13.03 21.38
C LEU A 84 27.26 13.02 20.04
N LYS A 85 27.44 11.99 19.25
CA LYS A 85 26.74 11.89 17.97
C LYS A 85 25.23 11.85 18.15
N PHE A 86 24.76 11.12 19.16
CA PHE A 86 23.32 11.11 19.45
C PHE A 86 22.82 12.56 19.73
N TYR A 87 23.50 13.24 20.64
CA TYR A 87 23.07 14.60 21.03
C TYR A 87 23.16 15.58 19.87
N GLN A 88 24.18 15.47 19.03
CA GLN A 88 24.30 16.33 17.84
C GLN A 88 23.23 16.07 16.80
N ARG A 89 22.84 14.81 16.64
CA ARG A 89 21.83 14.44 15.64
C ARG A 89 20.40 14.67 16.10
N ALA A 90 20.11 14.43 17.38
CA ALA A 90 18.76 14.33 17.89
C ALA A 90 18.38 15.31 18.99
N ALA A 91 19.31 16.04 19.58
CA ALA A 91 19.01 16.85 20.75
C ALA A 91 19.44 18.31 20.64
N LYS A 92 19.41 18.83 19.45
CA LYS A 92 19.69 20.27 19.26
C LYS A 92 18.53 21.05 19.88
N PRO A 93 18.82 22.15 20.59
CA PRO A 93 17.76 22.81 21.36
C PRO A 93 16.51 23.15 20.53
N GLU A 94 16.72 23.66 19.33
CA GLU A 94 15.66 24.06 18.44
C GLU A 94 14.85 22.88 17.88
N GLN A 95 15.53 21.77 17.66
CA GLN A 95 14.92 20.55 17.19
C GLN A 95 13.96 19.98 18.25
N ILE A 96 14.40 19.99 19.50
CA ILE A 96 13.55 19.55 20.63
C ILE A 96 12.38 20.52 20.80
N GLN A 97 12.67 21.83 20.79
CA GLN A 97 11.58 22.80 20.94
C GLN A 97 10.53 22.70 19.84
N LYS A 98 10.95 22.49 18.61
CA LYS A 98 10.01 22.32 17.51
C LYS A 98 9.10 21.08 17.73
N TRP A 99 9.69 19.99 18.17
CA TRP A 99 8.89 18.80 18.49
C TRP A 99 7.92 19.05 19.66
N ILE A 100 8.37 19.72 20.71
CA ILE A 100 7.51 20.05 21.83
C ILE A 100 6.29 20.86 21.34
N ARG A 101 6.53 21.83 20.46
CA ARG A 101 5.43 22.66 19.92
C ARG A 101 4.49 21.84 19.02
N THR A 102 5.02 21.10 18.05
CA THR A 102 4.18 20.38 17.11
C THR A 102 3.42 19.22 17.75
N ARG A 103 3.99 18.56 18.76
CA ARG A 103 3.34 17.44 19.44
CA ARG A 103 3.33 17.44 19.45
C ARG A 103 2.56 17.92 20.69
N LYS A 104 2.55 19.23 20.94
CA LYS A 104 1.80 19.82 22.06
C LYS A 104 2.18 19.22 23.41
N LEU A 105 3.48 19.11 23.67
CA LEU A 105 3.97 18.59 24.95
C LEU A 105 4.19 19.73 25.90
N LYS A 106 4.17 19.46 27.19
CA LYS A 106 4.62 20.42 28.20
C LYS A 106 6.13 20.58 28.21
N TYR A 107 6.84 19.46 28.02
CA TYR A 107 8.28 19.44 27.93
C TYR A 107 8.67 18.09 27.26
N LEU A 108 9.95 17.93 26.97
CA LEU A 108 10.47 16.65 26.50
C LEU A 108 11.74 16.30 27.26
N GLY A 109 11.76 15.13 27.89
CA GLY A 109 12.88 14.74 28.75
C GLY A 109 14.10 14.19 28.04
N VAL A 110 14.50 14.83 26.95
CA VAL A 110 15.77 14.53 26.29
C VAL A 110 16.66 15.70 26.67
N PRO A 111 17.84 15.43 27.26
CA PRO A 111 18.70 16.56 27.61
C PRO A 111 19.18 17.34 26.39
N LYS A 112 19.32 18.65 26.60
CA LYS A 112 19.76 19.53 25.55
C LYS A 112 21.29 19.50 25.43
N TYR A 113 21.73 19.48 24.18
CA TYR A 113 23.14 19.57 23.81
C TYR A 113 23.52 21.06 23.61
N TRP A 114 24.53 21.51 24.32
CA TRP A 114 24.92 22.94 24.25
C TRP A 114 26.26 23.20 23.55
N GLY A 115 27.04 22.14 23.31
CA GLY A 115 28.29 22.27 22.60
C GLY A 115 29.25 21.16 22.93
N SER A 116 30.32 21.11 22.15
CA SER A 116 31.35 20.14 22.36
C SER A 116 32.64 20.60 21.77
N GLY A 117 33.72 19.98 22.18
CA GLY A 117 35.01 20.25 21.59
C GLY A 117 36.07 19.27 22.00
N LEU A 118 37.31 19.70 21.72
CA LEU A 118 38.49 18.90 21.99
C LEU A 118 39.39 19.70 22.89
N HIS A 119 40.00 19.00 23.85
CA HIS A 119 40.80 19.64 24.90
C HIS A 119 42.04 18.75 25.07
N ASP A 120 43.20 19.38 25.01
CA ASP A 120 44.47 18.66 25.18
C ASP A 120 45.01 19.03 26.57
N LYS A 121 45.50 18.01 27.27
CA LYS A 121 46.17 18.21 28.57
C LYS A 121 47.25 17.18 28.77
N ASN A 122 48.46 17.62 29.12
CA ASN A 122 49.56 16.70 29.47
C ASN A 122 49.84 15.66 28.37
N GLY A 123 49.84 16.12 27.12
CA GLY A 123 50.06 15.27 25.94
C GLY A 123 48.97 14.24 25.60
N LYS A 124 47.79 14.36 26.24
CA LYS A 124 46.65 13.47 25.96
C LYS A 124 45.51 14.32 25.38
N SER A 125 44.73 13.70 24.49
CA SER A 125 43.59 14.36 23.86
CA SER A 125 43.58 14.35 23.86
C SER A 125 42.29 13.92 24.51
N TYR A 126 41.45 14.90 24.85
CA TYR A 126 40.15 14.67 25.47
C TYR A 126 39.06 15.29 24.59
N ARG A 127 37.87 14.70 24.71
CA ARG A 127 36.65 15.25 24.14
C ARG A 127 35.81 15.75 25.27
N PHE A 128 35.15 16.89 25.08
CA PHE A 128 34.18 17.37 26.05
C PHE A 128 32.85 17.74 25.44
N MET A 129 31.82 17.70 26.27
CA MET A 129 30.46 17.98 25.88
C MET A 129 29.75 18.72 26.99
N ILE A 130 29.05 19.79 26.62
CA ILE A 130 28.33 20.63 27.56
C ILE A 130 26.86 20.28 27.48
N MET A 131 26.27 19.96 28.63
CA MET A 131 24.85 19.59 28.69
CA MET A 131 24.84 19.63 28.69
C MET A 131 24.17 20.34 29.83
N ASP A 132 22.85 20.27 29.86
CA ASP A 132 22.01 20.70 30.98
C ASP A 132 22.55 20.04 32.28
N ARG A 133 22.53 20.80 33.37
CA ARG A 133 22.73 20.23 34.72
C ARG A 133 21.35 19.77 35.26
N PHE A 134 21.33 18.61 35.90
CA PHE A 134 20.08 18.05 36.46
C PHE A 134 20.15 17.92 37.99
N GLY A 135 19.01 17.61 38.59
CA GLY A 135 18.94 17.28 40.00
C GLY A 135 19.18 15.79 40.23
N SER A 136 18.39 15.22 41.13
CA SER A 136 18.62 13.88 41.60
C SER A 136 18.23 12.85 40.55
N ASP A 137 18.87 11.68 40.62
CA ASP A 137 18.42 10.53 39.84
C ASP A 137 17.23 9.88 40.58
N LEU A 138 16.41 9.17 39.85
CA LEU A 138 15.23 8.53 40.44
C LEU A 138 15.55 7.36 41.34
N GLN A 139 16.69 6.71 41.15
CA GLN A 139 17.07 5.53 41.94
C GLN A 139 17.29 5.93 43.40
N LYS A 140 17.95 7.06 43.63
CA LYS A 140 18.12 7.60 45.00
C LYS A 140 16.76 7.85 45.67
N ILE A 141 15.85 8.49 44.95
CA ILE A 141 14.52 8.81 45.47
C ILE A 141 13.69 7.54 45.74
N TYR A 142 13.76 6.60 44.82
CA TYR A 142 13.17 5.25 45.00
C TYR A 142 13.64 4.56 46.27
N GLU A 143 14.96 4.51 46.46
CA GLU A 143 15.56 3.87 47.64
C GLU A 143 15.17 4.60 48.94
N ALA A 144 15.10 5.92 48.90
CA ALA A 144 14.63 6.73 50.03
C ALA A 144 13.14 6.52 50.33
N ASN A 145 12.36 6.05 49.36
CA ASN A 145 10.96 5.73 49.56
C ASN A 145 10.74 4.23 49.81
N ALA A 146 11.74 3.56 50.37
CA ALA A 146 11.71 2.12 50.66
C ALA A 146 11.40 1.27 49.43
N LYS A 147 11.99 1.67 48.30
CA LYS A 147 11.87 0.96 47.02
C LYS A 147 10.45 0.73 46.56
N ARG A 148 9.65 1.80 46.61
CA ARG A 148 8.33 1.86 46.01
C ARG A 148 8.13 3.23 45.42
N PHE A 149 7.41 3.27 44.30
CA PHE A 149 6.74 4.45 43.81
C PHE A 149 5.28 4.09 43.74
N SER A 150 4.45 5.09 43.95
CA SER A 150 3.01 4.93 43.87
C SER A 150 2.55 4.67 42.46
N ARG A 151 1.35 4.14 42.32
CA ARG A 151 0.76 3.95 41.01
C ARG A 151 0.67 5.27 40.21
N LYS A 152 0.23 6.34 40.87
CA LYS A 152 0.21 7.67 40.28
C LYS A 152 1.60 8.06 39.72
N THR A 153 2.63 7.94 40.54
CA THR A 153 3.99 8.27 40.15
C THR A 153 4.48 7.42 38.96
N VAL A 154 4.24 6.11 39.04
CA VAL A 154 4.69 5.22 38.00
C VAL A 154 4.04 5.56 36.68
N LEU A 155 2.73 5.84 36.70
CA LEU A 155 2.02 6.17 35.48
C LEU A 155 2.50 7.51 34.88
N GLN A 156 2.71 8.49 35.74
CA GLN A 156 3.17 9.82 35.31
C GLN A 156 4.63 9.76 34.75
N LEU A 157 5.50 9.02 35.42
CA LEU A 157 6.85 8.77 34.91
C LEU A 157 6.80 8.11 33.54
N SER A 158 5.98 7.07 33.41
CA SER A 158 5.93 6.26 32.23
C SER A 158 5.33 6.95 31.03
N LEU A 159 4.34 7.82 31.25
CA LEU A 159 3.83 8.66 30.17
C LEU A 159 4.93 9.54 29.56
N ARG A 160 5.74 10.13 30.41
CA ARG A 160 6.81 11.01 29.94
C ARG A 160 7.96 10.22 29.30
N ILE A 161 8.22 9.02 29.81
CA ILE A 161 9.21 8.13 29.19
C ILE A 161 8.72 7.69 27.81
N LEU A 162 7.42 7.42 27.66
CA LEU A 162 6.89 7.13 26.33
C LEU A 162 7.07 8.29 25.35
N ASP A 163 6.92 9.52 25.82
CA ASP A 163 7.20 10.70 24.95
C ASP A 163 8.67 10.70 24.52
N ILE A 164 9.57 10.42 25.46
CA ILE A 164 11.02 10.39 25.17
C ILE A 164 11.35 9.28 24.18
N LEU A 165 10.81 8.09 24.42
CA LEU A 165 11.09 6.96 23.55
C LEU A 165 10.56 7.18 22.16
N GLU A 166 9.34 7.71 22.04
CA GLU A 166 8.81 8.05 20.73
C GLU A 166 9.75 9.00 19.98
N TYR A 167 10.16 10.03 20.70
CA TYR A 167 11.02 11.05 20.07
C TYR A 167 12.40 10.44 19.60
N ILE A 168 13.11 9.74 20.49
CA ILE A 168 14.44 9.15 20.11
C ILE A 168 14.22 8.05 18.98
N HIS A 169 13.18 7.20 19.08
CA HIS A 169 12.91 6.17 18.03
C HIS A 169 12.65 6.88 16.66
N GLU A 170 11.90 7.97 16.68
CA GLU A 170 11.65 8.70 15.42
C GLU A 170 12.92 9.38 14.88
N HIS A 171 13.95 9.51 15.72
CA HIS A 171 15.25 10.02 15.32
C HIS A 171 16.31 8.93 15.21
N GLU A 172 15.86 7.70 14.96
CA GLU A 172 16.68 6.56 14.56
C GLU A 172 17.40 5.83 15.67
N TYR A 173 17.12 6.16 16.93
CA TYR A 173 17.84 5.58 18.04
C TYR A 173 16.92 4.83 19.02
N VAL A 174 17.49 3.77 19.61
CA VAL A 174 16.93 3.17 20.82
C VAL A 174 17.92 3.36 21.95
N HIS A 175 17.39 3.37 23.17
CA HIS A 175 18.21 3.56 24.35
C HIS A 175 18.82 2.28 24.91
N GLY A 176 17.96 1.27 25.09
CA GLY A 176 18.40 -0.06 25.52
C GLY A 176 18.69 -0.22 27.00
N ASP A 177 18.55 0.83 27.81
CA ASP A 177 18.99 0.79 29.20
C ASP A 177 18.20 1.74 30.08
N ILE A 178 16.90 1.76 29.87
CA ILE A 178 15.99 2.57 30.69
C ILE A 178 15.97 1.94 32.10
N LYS A 179 16.19 2.79 33.10
CA LYS A 179 16.14 2.42 34.50
C LYS A 179 16.23 3.70 35.34
N ALA A 180 15.85 3.57 36.62
CA ALA A 180 15.79 4.72 37.51
C ALA A 180 17.10 5.49 37.67
N SER A 181 18.22 4.81 37.65
CA SER A 181 19.51 5.47 37.75
C SER A 181 19.87 6.29 36.48
N ASN A 182 19.15 6.07 35.38
CA ASN A 182 19.30 6.85 34.13
C ASN A 182 18.15 7.83 33.93
N LEU A 183 17.40 8.09 34.99
CA LEU A 183 16.32 9.06 34.94
C LEU A 183 16.61 10.15 35.98
N LEU A 184 16.74 11.38 35.49
CA LEU A 184 17.16 12.54 36.30
C LEU A 184 16.06 13.58 36.27
N LEU A 185 15.87 14.28 37.40
CA LEU A 185 14.87 15.32 37.47
C LEU A 185 15.47 16.63 37.00
N ASN A 186 14.65 17.47 36.39
CA ASN A 186 14.99 18.87 36.11
C ASN A 186 15.46 19.51 37.44
N TYR A 187 16.63 20.15 37.41
CA TYR A 187 17.23 20.76 38.60
C TYR A 187 16.29 21.77 39.28
N LYS A 188 15.48 22.47 38.48
CA LYS A 188 14.58 23.50 38.98
C LYS A 188 13.11 23.09 38.94
N ASN A 189 12.79 21.85 38.56
CA ASN A 189 11.40 21.41 38.44
C ASN A 189 11.30 19.89 38.66
N PRO A 190 10.93 19.48 39.88
CA PRO A 190 10.91 18.05 40.21
C PRO A 190 9.77 17.24 39.57
N ASP A 191 8.94 17.85 38.74
CA ASP A 191 7.92 17.14 37.98
C ASP A 191 8.36 16.82 36.54
N GLN A 192 9.61 17.15 36.19
CA GLN A 192 10.12 16.91 34.84
C GLN A 192 11.24 15.90 34.93
N VAL A 193 11.03 14.74 34.33
CA VAL A 193 12.01 13.68 34.34
C VAL A 193 12.65 13.58 32.94
N TYR A 194 13.96 13.35 32.94
CA TYR A 194 14.78 13.22 31.74
C TYR A 194 15.47 11.86 31.71
N LEU A 195 15.57 11.28 30.52
CA LEU A 195 16.31 10.05 30.29
C LEU A 195 17.71 10.42 29.83
N VAL A 196 18.73 9.94 30.53
CA VAL A 196 20.12 10.22 30.23
C VAL A 196 20.89 8.94 29.88
N ASP A 197 22.14 9.15 29.50
CA ASP A 197 23.12 8.11 29.18
C ASP A 197 22.82 7.47 27.82
N TYR A 198 23.43 8.07 26.78
CA TYR A 198 23.30 7.57 25.43
C TYR A 198 24.62 6.99 24.94
N GLY A 199 25.55 6.70 25.84
CA GLY A 199 26.88 6.17 25.47
C GLY A 199 26.84 4.79 24.82
N LEU A 200 25.84 4.00 25.18
CA LEU A 200 25.58 2.72 24.56
C LEU A 200 24.22 2.70 23.82
N ALA A 201 23.73 3.86 23.41
CA ALA A 201 22.53 3.94 22.60
C ALA A 201 22.83 3.34 21.23
N TYR A 202 21.80 2.96 20.53
CA TYR A 202 21.98 2.21 19.30
C TYR A 202 21.13 2.82 18.23
N ARG A 203 21.79 3.07 17.10
CA ARG A 203 21.11 3.61 15.93
C ARG A 203 20.52 2.46 15.13
N TYR A 204 19.27 2.14 15.45
CA TYR A 204 18.59 0.94 14.93
C TYR A 204 18.08 1.14 13.50
N CYS A 205 17.96 2.38 13.04
N CYS A 205 17.95 2.38 13.04
CA CYS A 205 17.36 2.65 11.76
CA CYS A 205 17.37 2.64 11.74
C CYS A 205 18.10 3.77 10.99
C CYS A 205 18.10 3.77 10.99
N PRO A 206 19.42 3.60 10.78
CA PRO A 206 20.20 4.68 10.12
C PRO A 206 19.67 4.92 8.71
N GLU A 207 19.34 6.18 8.42
CA GLU A 207 18.77 6.63 7.15
C GLU A 207 17.49 5.88 6.78
N GLY A 208 16.69 5.52 7.79
CA GLY A 208 15.45 4.82 7.55
C GLY A 208 15.52 3.35 7.20
N VAL A 209 16.70 2.74 7.30
CA VAL A 209 16.87 1.32 7.04
C VAL A 209 17.01 0.56 8.36
N HIS A 210 16.00 -0.23 8.69
CA HIS A 210 15.97 -0.94 9.98
C HIS A 210 17.01 -2.07 10.00
N LYS A 211 17.74 -2.17 11.09
CA LYS A 211 18.64 -3.28 11.31
C LYS A 211 17.88 -4.61 11.24
N ALA A 212 18.52 -5.60 10.65
CA ALA A 212 17.98 -6.95 10.54
C ALA A 212 17.99 -7.66 11.89
N TYR A 213 17.05 -8.56 12.06
CA TYR A 213 17.02 -9.41 13.28
C TYR A 213 18.27 -10.24 13.37
N ALA A 214 19.25 -9.84 14.18
CA ALA A 214 20.63 -10.31 14.08
C ALA A 214 21.48 -9.57 15.13
N ALA A 215 22.48 -10.25 15.66
CA ALA A 215 23.59 -9.59 16.33
C ALA A 215 24.22 -8.50 15.46
N ASP A 216 24.71 -7.44 16.09
CA ASP A 216 25.54 -6.46 15.44
C ASP A 216 26.95 -6.55 16.06
N PRO A 217 27.96 -6.99 15.25
CA PRO A 217 29.32 -7.11 15.82
C PRO A 217 29.88 -5.81 16.42
N LYS A 218 29.45 -4.65 15.93
CA LYS A 218 29.85 -3.36 16.49
C LYS A 218 29.32 -3.10 17.92
N ARG A 219 28.25 -3.80 18.33
CA ARG A 219 27.67 -3.64 19.67
C ARG A 219 28.06 -4.72 20.63
N CYS A 220 28.62 -4.37 21.79
CA CYS A 220 28.91 -5.36 22.85
C CYS A 220 27.83 -5.44 23.95
N HIS A 221 27.11 -4.33 24.18
CA HIS A 221 26.30 -4.19 25.36
C HIS A 221 24.96 -4.92 25.30
N ASP A 222 24.62 -5.55 26.42
CA ASP A 222 23.42 -6.38 26.56
C ASP A 222 22.34 -5.68 27.40
N GLY A 223 22.62 -4.46 27.87
CA GLY A 223 21.72 -3.75 28.77
C GLY A 223 22.00 -4.04 30.24
N THR A 224 21.03 -3.75 31.11
CA THR A 224 21.11 -4.07 32.52
C THR A 224 20.28 -5.33 32.70
N ILE A 225 20.92 -6.38 33.20
CA ILE A 225 20.35 -7.72 33.12
C ILE A 225 18.91 -7.86 33.65
N GLU A 226 18.61 -7.24 34.79
CA GLU A 226 17.27 -7.40 35.35
C GLU A 226 16.17 -6.73 34.52
N PHE A 227 16.52 -5.69 33.74
CA PHE A 227 15.55 -4.95 32.93
C PHE A 227 15.62 -5.16 31.44
N THR A 228 16.66 -5.81 30.94
CA THR A 228 16.88 -5.85 29.48
C THR A 228 15.83 -6.66 28.76
N SER A 229 15.72 -6.44 27.46
CA SER A 229 14.76 -7.12 26.62
C SER A 229 15.14 -8.56 26.30
N ILE A 230 14.12 -9.36 25.99
CA ILE A 230 14.31 -10.72 25.46
C ILE A 230 15.17 -10.67 24.18
N ASP A 231 14.94 -9.70 23.31
CA ASP A 231 15.82 -9.52 22.13
C ASP A 231 17.29 -9.42 22.51
N ALA A 232 17.60 -8.56 23.48
CA ALA A 232 18.96 -8.44 23.97
C ALA A 232 19.50 -9.75 24.55
N HIS A 233 18.68 -10.43 25.34
CA HIS A 233 19.07 -11.75 25.86
C HIS A 233 19.34 -12.76 24.74
N ASN A 234 18.62 -12.66 23.63
CA ASN A 234 18.81 -13.50 22.45
C ASN A 234 20.01 -13.12 21.57
N GLY A 235 20.74 -12.10 21.99
CA GLY A 235 21.91 -11.62 21.28
C GLY A 235 21.60 -10.81 20.04
N VAL A 236 20.40 -10.28 19.89
CA VAL A 236 20.14 -9.47 18.70
C VAL A 236 20.23 -8.00 19.12
N ALA A 237 20.45 -7.18 18.12
CA ALA A 237 20.55 -5.75 18.33
C ALA A 237 19.22 -5.23 18.90
N PRO A 238 19.28 -4.26 19.80
CA PRO A 238 18.04 -3.69 20.34
C PRO A 238 17.19 -2.95 19.31
N SER A 239 15.87 -3.05 19.42
CA SER A 239 14.96 -2.27 18.61
C SER A 239 13.87 -1.64 19.47
N ARG A 240 12.85 -1.09 18.84
CA ARG A 240 11.89 -0.27 19.53
C ARG A 240 11.09 -1.09 20.54
N ARG A 241 10.67 -2.30 20.16
CA ARG A 241 9.89 -3.10 21.08
C ARG A 241 10.68 -3.38 22.38
N GLY A 242 11.99 -3.57 22.27
CA GLY A 242 12.84 -3.81 23.40
C GLY A 242 12.81 -2.67 24.41
N ASP A 243 12.87 -1.43 23.92
CA ASP A 243 12.80 -0.28 24.82
C ASP A 243 11.47 -0.29 25.62
N LEU A 244 10.38 -0.62 24.96
CA LEU A 244 9.06 -0.63 25.61
C LEU A 244 8.96 -1.78 26.62
N GLU A 245 9.60 -2.91 26.29
CA GLU A 245 9.65 -4.04 27.19
C GLU A 245 10.41 -3.69 28.48
N ILE A 246 11.56 -3.04 28.30
CA ILE A 246 12.38 -2.57 29.40
C ILE A 246 11.55 -1.69 30.34
N LEU A 247 10.84 -0.73 29.77
CA LEU A 247 10.01 0.14 30.57
C LEU A 247 8.95 -0.67 31.38
N GLY A 248 8.40 -1.68 30.73
CA GLY A 248 7.49 -2.62 31.39
C GLY A 248 8.04 -3.22 32.69
N TYR A 249 9.27 -3.73 32.58
CA TYR A 249 9.95 -4.30 33.75
C TYR A 249 10.25 -3.25 34.81
N CYS A 250 10.65 -2.05 34.37
CA CYS A 250 10.82 -0.94 35.29
C CYS A 250 9.53 -0.63 36.07
N MET A 251 8.40 -0.58 35.37
CA MET A 251 7.12 -0.23 36.01
C MET A 251 6.80 -1.22 37.13
N ILE A 252 7.02 -2.51 36.87
CA ILE A 252 6.78 -3.55 37.88
C ILE A 252 7.72 -3.40 39.06
N GLN A 253 9.01 -3.25 38.78
CA GLN A 253 10.01 -3.00 39.81
C GLN A 253 9.63 -1.82 40.70
N TRP A 254 9.18 -0.73 40.06
CA TRP A 254 8.88 0.50 40.80
C TRP A 254 7.62 0.32 41.68
N LEU A 255 6.59 -0.34 41.13
CA LEU A 255 5.35 -0.58 41.83
C LEU A 255 5.49 -1.53 43.02
N THR A 256 6.34 -2.54 42.88
CA THR A 256 6.37 -3.65 43.82
C THR A 256 7.63 -3.82 44.65
N GLY A 257 8.70 -3.12 44.29
CA GLY A 257 10.01 -3.35 44.88
C GLY A 257 10.82 -4.53 44.39
N HIS A 258 10.27 -5.32 43.46
CA HIS A 258 10.86 -6.60 43.07
C HIS A 258 10.61 -6.97 41.60
N LEU A 259 11.43 -7.88 41.10
CA LEU A 259 11.13 -8.63 39.89
C LEU A 259 11.35 -10.12 40.18
N PRO A 260 10.63 -11.00 39.49
CA PRO A 260 10.70 -12.43 39.84
C PRO A 260 12.10 -13.08 39.72
N TRP A 261 12.93 -12.54 38.81
CA TRP A 261 14.22 -13.15 38.49
C TRP A 261 15.37 -12.48 39.25
N GLU A 262 15.06 -11.60 40.20
CA GLU A 262 16.08 -10.78 40.86
C GLU A 262 17.04 -11.56 41.78
N ASP A 263 16.69 -12.77 42.18
CA ASP A 263 17.63 -13.58 42.99
C ASP A 263 18.59 -14.44 42.16
N ASN A 264 18.57 -14.33 40.86
CA ASN A 264 19.37 -15.15 39.98
C ASN A 264 20.03 -14.32 38.85
N LEU A 265 20.44 -13.09 39.14
CA LEU A 265 20.91 -12.19 38.09
C LEU A 265 22.31 -12.54 37.61
N LYS A 266 23.03 -13.41 38.32
CA LYS A 266 24.30 -13.94 37.82
C LYS A 266 24.14 -15.02 36.75
N ASP A 267 22.90 -15.48 36.50
CA ASP A 267 22.61 -16.49 35.51
C ASP A 267 21.70 -15.92 34.42
N PRO A 268 22.29 -15.37 33.36
CA PRO A 268 21.50 -14.79 32.29
C PRO A 268 20.54 -15.75 31.62
N LYS A 269 20.88 -17.02 31.52
CA LYS A 269 19.96 -18.00 30.91
C LYS A 269 18.66 -18.11 31.75
N TYR A 270 18.82 -18.07 33.07
CA TYR A 270 17.68 -18.09 33.98
C TYR A 270 16.78 -16.85 33.80
N VAL A 271 17.44 -15.69 33.73
CA VAL A 271 16.73 -14.43 33.55
C VAL A 271 15.94 -14.44 32.25
N ARG A 272 16.59 -14.84 31.16
CA ARG A 272 15.94 -14.93 29.86
C ARG A 272 14.77 -15.89 29.91
N ASP A 273 14.99 -17.08 30.43
CA ASP A 273 13.96 -18.12 30.49
C ASP A 273 12.70 -17.61 31.25
N SER A 274 12.95 -16.94 32.38
CA SER A 274 11.85 -16.38 33.14
C SER A 274 11.07 -15.31 32.35
N LYS A 275 11.78 -14.39 31.73
CA LYS A 275 11.12 -13.37 30.92
C LYS A 275 10.31 -13.96 29.77
N ILE A 276 10.85 -14.98 29.10
CA ILE A 276 10.13 -15.61 28.00
C ILE A 276 8.84 -16.26 28.52
N ARG A 277 8.97 -16.98 29.64
CA ARG A 277 7.81 -17.65 30.21
C ARG A 277 6.73 -16.66 30.65
N TYR A 278 7.16 -15.58 31.26
CA TYR A 278 6.22 -14.51 31.69
C TYR A 278 5.68 -13.64 30.60
N ARG A 279 6.34 -13.60 29.43
CA ARG A 279 5.75 -12.99 28.26
C ARG A 279 4.67 -13.89 27.66
N GLU A 280 4.94 -15.19 27.60
CA GLU A 280 3.96 -16.13 27.10
C GLU A 280 2.69 -16.16 27.99
N ASN A 281 2.86 -15.93 29.29
CA ASN A 281 1.77 -15.99 30.27
C ASN A 281 1.79 -14.76 31.20
N ILE A 282 1.25 -13.65 30.68
CA ILE A 282 1.32 -12.37 31.39
C ILE A 282 0.45 -12.41 32.68
N ALA A 283 -0.67 -13.13 32.63
CA ALA A 283 -1.48 -13.34 33.85
C ALA A 283 -0.65 -13.95 34.99
N SER A 284 0.22 -14.90 34.68
CA SER A 284 1.12 -15.48 35.67
C SER A 284 2.14 -14.48 36.19
N LEU A 285 2.60 -13.57 35.33
CA LEU A 285 3.44 -12.51 35.81
C LEU A 285 2.71 -11.58 36.81
N MET A 286 1.49 -11.22 36.49
CA MET A 286 0.69 -10.36 37.37
C MET A 286 0.45 -11.08 38.75
N ASP A 287 0.14 -12.39 38.71
CA ASP A 287 -0.05 -13.19 39.93
C ASP A 287 1.22 -13.24 40.77
N LYS A 288 2.36 -13.39 40.11
CA LYS A 288 3.63 -13.44 40.79
C LYS A 288 4.01 -12.12 41.45
N CYS A 289 3.83 -11.01 40.74
CA CYS A 289 4.36 -9.73 41.17
C CYS A 289 3.43 -8.94 42.08
N PHE A 290 2.13 -9.19 41.97
CA PHE A 290 1.14 -8.43 42.71
C PHE A 290 0.39 -9.34 43.67
N PRO A 291 -0.18 -8.76 44.75
CA PRO A 291 -1.02 -9.58 45.65
C PRO A 291 -2.22 -10.13 44.89
N ALA A 292 -2.67 -11.31 45.32
CA ALA A 292 -3.60 -12.06 44.51
C ALA A 292 -4.83 -11.22 44.21
N ALA A 293 -5.19 -11.16 42.93
CA ALA A 293 -6.36 -10.41 42.43
C ALA A 293 -6.28 -8.87 42.52
N ASN A 294 -5.07 -8.37 42.67
CA ASN A 294 -4.88 -6.95 42.95
C ASN A 294 -3.81 -6.33 42.02
N ALA A 295 -3.84 -6.72 40.75
CA ALA A 295 -2.83 -6.28 39.77
C ALA A 295 -3.40 -5.06 39.05
N PRO A 296 -2.59 -4.00 38.86
CA PRO A 296 -3.06 -2.91 37.99
C PRO A 296 -3.26 -3.33 36.55
N GLY A 297 -4.49 -3.24 36.09
CA GLY A 297 -4.87 -3.74 34.77
C GLY A 297 -4.13 -3.10 33.61
N GLU A 298 -3.78 -1.82 33.77
CA GLU A 298 -3.03 -1.11 32.71
C GLU A 298 -1.64 -1.70 32.46
N ILE A 299 -1.02 -2.27 33.50
CA ILE A 299 0.31 -2.86 33.36
C ILE A 299 0.20 -4.12 32.50
N ALA A 300 -0.78 -4.97 32.80
CA ALA A 300 -0.99 -6.15 31.98
C ALA A 300 -1.34 -5.78 30.52
N LYS A 301 -2.21 -4.80 30.33
CA LYS A 301 -2.60 -4.40 28.98
C LYS A 301 -1.40 -3.82 28.19
N TYR A 302 -0.57 -3.04 28.90
CA TYR A 302 0.67 -2.48 28.34
C TYR A 302 1.55 -3.63 27.85
N MET A 303 1.80 -4.62 28.71
N MET A 303 1.80 -4.62 28.71
CA MET A 303 2.65 -5.76 28.36
CA MET A 303 2.64 -5.76 28.35
C MET A 303 2.08 -6.58 27.22
C MET A 303 2.08 -6.58 27.22
N GLU A 304 0.75 -6.76 27.17
CA GLU A 304 0.12 -7.49 26.08
C GLU A 304 0.32 -6.75 24.75
N THR A 305 0.23 -5.42 24.80
CA THR A 305 0.36 -4.62 23.59
C THR A 305 1.81 -4.69 23.05
N VAL A 306 2.77 -4.58 23.97
CA VAL A 306 4.20 -4.71 23.58
C VAL A 306 4.50 -6.11 23.04
N LYS A 307 3.91 -7.14 23.64
CA LYS A 307 4.06 -8.51 23.15
C LYS A 307 3.67 -8.67 21.69
N LEU A 308 2.68 -7.92 21.24
CA LEU A 308 2.20 -7.99 19.86
C LEU A 308 3.16 -7.35 18.84
N LEU A 309 4.17 -6.59 19.30
CA LEU A 309 5.08 -5.93 18.35
C LEU A 309 6.08 -6.89 17.72
N ASP A 310 6.21 -6.80 16.41
CA ASP A 310 7.31 -7.49 15.71
C ASP A 310 8.61 -6.68 15.85
N TYR A 311 9.73 -7.34 15.61
CA TYR A 311 11.05 -6.74 15.80
C TYR A 311 11.23 -5.40 15.09
N THR A 312 10.74 -5.30 13.86
CA THR A 312 10.91 -4.04 13.07
C THR A 312 9.73 -3.12 13.14
N GLU A 313 8.69 -3.50 13.91
CA GLU A 313 7.41 -2.78 13.86
C GLU A 313 7.47 -1.45 14.60
N LYS A 314 6.86 -0.43 14.01
CA LYS A 314 6.70 0.84 14.67
C LYS A 314 5.58 0.76 15.72
N PRO A 315 5.90 1.05 16.99
CA PRO A 315 4.87 1.05 18.01
C PRO A 315 3.81 2.10 17.80
N LEU A 316 2.59 1.81 18.25
CA LEU A 316 1.55 2.82 18.36
C LEU A 316 1.64 3.45 19.73
N TYR A 317 2.45 4.50 19.83
CA TYR A 317 2.81 5.08 21.12
C TYR A 317 1.59 5.71 21.77
N GLU A 318 0.68 6.28 20.96
CA GLU A 318 -0.52 6.94 21.54
C GLU A 318 -1.42 5.89 22.20
N ASN A 319 -1.54 4.72 21.60
CA ASN A 319 -2.30 3.59 22.18
C ASN A 319 -1.70 3.16 23.54
N LEU A 320 -0.36 3.10 23.62
CA LEU A 320 0.29 2.80 24.90
C LEU A 320 0.04 3.88 25.93
N ARG A 321 0.11 5.13 25.50
CA ARG A 321 -0.16 6.22 26.46
C ARG A 321 -1.66 6.15 26.92
N ASP A 322 -2.56 5.87 25.97
CA ASP A 322 -3.99 5.74 26.33
C ASP A 322 -4.22 4.64 27.36
N ILE A 323 -3.50 3.52 27.19
CA ILE A 323 -3.56 2.45 28.20
C ILE A 323 -3.17 2.95 29.58
N LEU A 324 -2.09 3.73 29.67
CA LEU A 324 -1.66 4.24 30.95
C LEU A 324 -2.61 5.31 31.49
N LEU A 325 -3.17 6.12 30.60
CA LEU A 325 -4.16 7.13 30.97
C LEU A 325 -5.44 6.48 31.59
N GLN A 326 -5.84 5.31 31.10
CA GLN A 326 -6.94 4.53 31.70
C GLN A 326 -6.63 4.16 33.14
N GLY A 327 -5.36 3.87 33.42
CA GLY A 327 -4.88 3.66 34.79
C GLY A 327 -5.05 4.87 35.69
N LEU A 328 -4.73 6.06 35.18
CA LEU A 328 -4.90 7.27 35.95
C LEU A 328 -6.40 7.51 36.24
N LYS A 329 -7.25 7.33 35.24
CA LYS A 329 -8.72 7.41 35.38
C LYS A 329 -9.22 6.45 36.47
N ALA A 330 -8.73 5.21 36.42
CA ALA A 330 -9.11 4.18 37.37
C ALA A 330 -8.76 4.51 38.83
N ILE A 331 -7.67 5.25 39.07
CA ILE A 331 -7.34 5.70 40.42
C ILE A 331 -7.90 7.09 40.77
N GLY A 332 -8.80 7.61 39.94
CA GLY A 332 -9.43 8.91 40.20
C GLY A 332 -8.52 10.10 39.96
N SER A 333 -7.59 9.98 39.02
CA SER A 333 -6.67 11.06 38.72
C SER A 333 -6.71 11.37 37.25
N LYS A 334 -5.73 12.16 36.81
CA LYS A 334 -5.62 12.53 35.40
C LYS A 334 -4.16 12.86 35.15
N ASP A 335 -3.81 12.99 33.89
CA ASP A 335 -2.45 13.43 33.54
C ASP A 335 -2.34 14.93 33.74
N ASP A 336 -1.90 15.29 34.93
CA ASP A 336 -1.67 16.67 35.32
C ASP A 336 -0.16 16.94 35.45
N GLY A 337 0.68 16.03 34.93
CA GLY A 337 2.12 16.23 34.98
C GLY A 337 2.78 16.13 36.33
N LYS A 338 2.03 15.74 37.37
CA LYS A 338 2.54 15.70 38.73
C LYS A 338 3.14 14.34 39.03
N LEU A 339 4.44 14.28 39.31
CA LEU A 339 5.12 13.02 39.55
C LEU A 339 4.91 12.52 40.97
N ASP A 340 4.51 13.41 41.89
CA ASP A 340 4.29 13.08 43.31
C ASP A 340 5.47 12.40 43.96
N LEU A 341 6.66 12.93 43.73
CA LEU A 341 7.86 12.41 44.38
C LEU A 341 8.08 13.21 45.68
N PHE B 23 -40.86 -22.74 11.57
CA PHE B 23 -41.26 -21.35 11.22
C PHE B 23 -41.87 -21.28 9.83
N ALA B 24 -42.76 -20.32 9.65
CA ALA B 24 -43.43 -20.09 8.39
C ALA B 24 -42.62 -19.07 7.63
N VAL B 25 -42.35 -19.34 6.34
CA VAL B 25 -41.74 -18.34 5.45
C VAL B 25 -42.55 -17.04 5.51
N GLY B 26 -41.86 -15.90 5.60
CA GLY B 26 -42.45 -14.60 5.85
C GLY B 26 -42.72 -14.21 7.29
N GLU B 27 -42.58 -15.12 8.24
CA GLU B 27 -42.87 -14.79 9.65
C GLU B 27 -41.87 -13.79 10.22
N ILE B 28 -42.31 -12.96 11.16
CA ILE B 28 -41.48 -11.89 11.72
C ILE B 28 -41.10 -12.32 13.12
N ILE B 29 -39.80 -12.34 13.41
CA ILE B 29 -39.34 -12.62 14.77
C ILE B 29 -38.60 -11.39 15.31
N THR B 30 -38.70 -11.18 16.62
CA THR B 30 -38.12 -10.01 17.27
C THR B 30 -37.10 -10.49 18.31
N ASP B 31 -35.89 -9.95 18.24
CA ASP B 31 -34.80 -10.39 19.12
C ASP B 31 -34.81 -9.63 20.45
N MET B 32 -33.87 -9.96 21.33
CA MET B 32 -33.75 -9.33 22.62
C MET B 32 -33.50 -7.81 22.60
N ALA B 33 -32.92 -7.30 21.50
CA ALA B 33 -32.69 -5.88 21.33
C ALA B 33 -33.86 -5.18 20.62
N ALA B 34 -34.99 -5.89 20.48
CA ALA B 34 -36.19 -5.45 19.76
C ALA B 34 -36.00 -5.21 18.26
N ALA B 35 -34.94 -5.79 17.67
CA ALA B 35 -34.75 -5.73 16.23
C ALA B 35 -35.64 -6.78 15.58
N ALA B 36 -36.28 -6.41 14.48
CA ALA B 36 -37.18 -7.31 13.76
C ALA B 36 -36.45 -8.01 12.61
N TRP B 37 -36.75 -9.30 12.46
CA TRP B 37 -36.19 -10.12 11.40
C TRP B 37 -37.33 -10.88 10.73
N LYS B 38 -37.15 -11.14 9.44
CA LYS B 38 -38.11 -11.92 8.65
C LYS B 38 -37.46 -13.22 8.21
N VAL B 39 -38.22 -14.31 8.29
CA VAL B 39 -37.76 -15.64 7.96
C VAL B 39 -38.07 -15.97 6.51
N GLY B 40 -37.11 -16.59 5.83
CA GLY B 40 -37.28 -17.08 4.45
C GLY B 40 -37.34 -18.61 4.43
N LEU B 41 -36.88 -19.20 3.33
CA LEU B 41 -36.93 -20.66 3.15
C LEU B 41 -35.81 -21.36 3.93
N PRO B 42 -36.00 -22.66 4.23
CA PRO B 42 -34.90 -23.45 4.80
C PRO B 42 -33.66 -23.51 3.89
N ILE B 43 -32.49 -23.75 4.48
CA ILE B 43 -31.22 -23.66 3.76
C ILE B 43 -30.38 -24.90 4.11
N GLY B 44 -29.85 -25.53 3.05
CA GLY B 44 -28.98 -26.69 3.15
C GLY B 44 -29.63 -28.05 3.35
N GLN B 45 -28.76 -29.05 3.55
CA GLN B 45 -29.17 -30.45 3.72
C GLN B 45 -29.36 -30.88 5.19
N GLY B 46 -29.94 -30.01 6.02
CA GLY B 46 -30.30 -30.31 7.41
C GLY B 46 -29.17 -30.53 8.42
N GLY B 47 -27.93 -30.24 8.02
CA GLY B 47 -26.74 -30.64 8.77
C GLY B 47 -26.62 -30.05 10.16
N PHE B 48 -27.08 -28.82 10.36
CA PHE B 48 -26.93 -28.10 11.63
C PHE B 48 -28.27 -27.80 12.32
N GLY B 49 -29.25 -28.68 12.16
CA GLY B 49 -30.57 -28.52 12.76
C GLY B 49 -31.50 -27.68 11.90
N CYS B 50 -32.50 -27.08 12.54
CA CYS B 50 -33.50 -26.24 11.86
C CYS B 50 -32.91 -24.87 11.57
N ILE B 51 -32.63 -24.60 10.30
CA ILE B 51 -32.04 -23.35 9.87
C ILE B 51 -32.77 -22.81 8.66
N TYR B 52 -33.02 -21.50 8.67
CA TYR B 52 -33.72 -20.79 7.61
C TYR B 52 -32.92 -19.58 7.19
N LEU B 53 -33.03 -19.18 5.92
CA LEU B 53 -32.53 -17.88 5.49
C LEU B 53 -33.32 -16.79 6.22
N ALA B 54 -32.69 -15.64 6.41
CA ALA B 54 -33.29 -14.55 7.16
C ALA B 54 -32.69 -13.22 6.79
N ASP B 55 -33.46 -12.16 7.03
CA ASP B 55 -33.00 -10.81 6.77
C ASP B 55 -33.75 -9.86 7.69
N MET B 56 -33.32 -8.60 7.70
CA MET B 56 -34.04 -7.56 8.43
C MET B 56 -35.48 -7.48 7.90
N ASN B 57 -36.41 -7.15 8.79
CA ASN B 57 -37.82 -7.17 8.42
C ASN B 57 -38.10 -6.12 7.34
N GLY B 63 -35.28 -13.35 0.30
CA GLY B 63 -34.52 -13.61 -0.94
C GLY B 63 -33.54 -14.77 -0.82
N SER B 64 -33.21 -15.38 -1.96
CA SER B 64 -32.23 -16.48 -2.03
C SER B 64 -30.79 -16.03 -1.68
N ASP B 65 -30.52 -14.73 -1.81
CA ASP B 65 -29.22 -14.14 -1.45
C ASP B 65 -29.20 -13.46 -0.05
N ALA B 66 -30.05 -13.94 0.86
CA ALA B 66 -30.16 -13.40 2.22
C ALA B 66 -28.81 -13.40 2.94
N PRO B 67 -28.48 -12.31 3.65
CA PRO B 67 -27.20 -12.23 4.34
C PRO B 67 -27.14 -12.96 5.69
N CYS B 68 -28.28 -13.45 6.21
CA CYS B 68 -28.31 -14.12 7.51
C CYS B 68 -29.07 -15.42 7.46
N VAL B 69 -28.90 -16.20 8.52
CA VAL B 69 -29.71 -17.36 8.76
C VAL B 69 -30.21 -17.28 10.19
N VAL B 70 -31.30 -17.97 10.45
CA VAL B 70 -31.83 -18.10 11.77
C VAL B 70 -31.78 -19.58 12.13
N LYS B 71 -31.18 -19.87 13.26
CA LYS B 71 -31.18 -21.22 13.85
C LYS B 71 -32.25 -21.25 14.92
N VAL B 72 -33.05 -22.30 14.96
CA VAL B 72 -34.16 -22.42 15.90
C VAL B 72 -34.19 -23.80 16.52
N GLU B 73 -34.43 -23.87 17.83
CA GLU B 73 -34.62 -25.10 18.56
C GLU B 73 -35.75 -24.84 19.60
N PRO B 74 -36.32 -25.91 20.14
CA PRO B 74 -37.23 -25.69 21.29
C PRO B 74 -36.53 -24.90 22.42
N SER B 75 -37.26 -24.07 23.15
CA SER B 75 -36.65 -23.31 24.27
C SER B 75 -36.16 -24.27 25.37
N PRO B 79 -27.87 -27.49 23.49
CA PRO B 79 -26.75 -27.01 22.63
C PRO B 79 -26.94 -25.56 22.17
N LEU B 80 -28.15 -25.14 21.80
CA LEU B 80 -28.32 -23.76 21.37
C LEU B 80 -28.07 -22.77 22.50
N PHE B 81 -28.44 -23.15 23.72
CA PHE B 81 -28.13 -22.37 24.91
C PHE B 81 -26.61 -22.24 25.11
N THR B 82 -25.90 -23.37 25.02
CA THR B 82 -24.44 -23.38 25.13
C THR B 82 -23.82 -22.49 24.06
N GLU B 83 -24.29 -22.61 22.83
CA GLU B 83 -23.77 -21.85 21.71
C GLU B 83 -24.04 -20.34 21.92
N LEU B 84 -25.24 -20.01 22.35
CA LEU B 84 -25.58 -18.63 22.66
C LEU B 84 -24.67 -18.02 23.72
N LYS B 85 -24.43 -18.77 24.79
CA LYS B 85 -23.49 -18.29 25.81
C LYS B 85 -22.09 -18.09 25.27
N PHE B 86 -21.62 -18.99 24.41
CA PHE B 86 -20.32 -18.82 23.73
C PHE B 86 -20.27 -17.50 23.00
N TYR B 87 -21.25 -17.27 22.14
CA TYR B 87 -21.26 -16.06 21.31
C TYR B 87 -21.33 -14.79 22.15
N GLN B 88 -22.16 -14.82 23.19
CA GLN B 88 -22.31 -13.66 24.07
C GLN B 88 -21.09 -13.37 24.90
N ARG B 89 -20.38 -14.39 25.33
CA ARG B 89 -19.19 -14.18 26.16
C ARG B 89 -17.92 -13.86 25.36
N ALA B 90 -17.77 -14.57 24.25
CA ALA B 90 -16.43 -14.69 23.61
C ALA B 90 -16.40 -14.25 22.17
N ALA B 91 -17.55 -14.07 21.52
CA ALA B 91 -17.58 -13.80 20.09
C ALA B 91 -18.46 -12.64 19.73
N LYS B 92 -18.43 -11.65 20.60
CA LYS B 92 -19.18 -10.42 20.33
C LYS B 92 -18.43 -9.77 19.13
N PRO B 93 -19.13 -9.03 18.26
CA PRO B 93 -18.48 -8.43 17.12
C PRO B 93 -17.27 -7.47 17.52
N GLU B 94 -17.39 -6.69 18.60
CA GLU B 94 -16.25 -5.80 19.02
C GLU B 94 -14.99 -6.65 19.36
N GLN B 95 -15.22 -7.78 19.99
CA GLN B 95 -14.15 -8.67 20.42
C GLN B 95 -13.40 -9.22 19.19
N ILE B 96 -14.16 -9.67 18.20
CA ILE B 96 -13.60 -10.20 16.97
C ILE B 96 -12.85 -9.10 16.20
N GLN B 97 -13.49 -7.93 16.07
CA GLN B 97 -12.85 -6.83 15.34
C GLN B 97 -11.55 -6.39 16.00
N LYS B 98 -11.55 -6.31 17.33
CA LYS B 98 -10.34 -5.93 18.04
C LYS B 98 -9.21 -6.94 17.80
N TRP B 99 -9.53 -8.23 17.82
CA TRP B 99 -8.53 -9.25 17.56
C TRP B 99 -7.98 -9.17 16.14
N ILE B 100 -8.87 -9.00 15.16
CA ILE B 100 -8.43 -8.86 13.77
C ILE B 100 -7.40 -7.70 13.63
N ARG B 101 -7.70 -6.59 14.28
CA ARG B 101 -6.82 -5.41 14.22
C ARG B 101 -5.50 -5.64 14.97
N THR B 102 -5.56 -6.11 16.20
CA THR B 102 -4.33 -6.26 17.01
C THR B 102 -3.43 -7.36 16.51
N ARG B 103 -3.99 -8.45 15.93
CA ARG B 103 -3.17 -9.56 15.42
CA ARG B 103 -3.17 -9.56 15.42
C ARG B 103 -2.88 -9.37 13.93
N LYS B 104 -3.34 -8.27 13.34
CA LYS B 104 -3.04 -7.94 11.93
C LYS B 104 -3.50 -9.03 10.97
N LEU B 105 -4.73 -9.52 11.17
CA LEU B 105 -5.28 -10.54 10.31
C LEU B 105 -6.04 -9.89 9.17
N LYS B 106 -6.18 -10.62 8.08
CA LYS B 106 -7.07 -10.21 6.98
C LYS B 106 -8.53 -10.43 7.36
N TYR B 107 -8.81 -11.51 8.08
CA TYR B 107 -10.16 -11.78 8.57
C TYR B 107 -10.02 -12.78 9.74
N LEU B 108 -11.13 -13.08 10.40
CA LEU B 108 -11.16 -14.17 11.38
C LEU B 108 -12.39 -15.00 11.16
N GLY B 109 -12.22 -16.32 11.00
CA GLY B 109 -13.30 -17.21 10.68
C GLY B 109 -14.18 -17.64 11.83
N VAL B 110 -14.55 -16.72 12.70
CA VAL B 110 -15.58 -16.94 13.72
C VAL B 110 -16.81 -16.21 13.20
N PRO B 111 -17.94 -16.90 13.07
CA PRO B 111 -19.13 -16.20 12.55
C PRO B 111 -19.58 -15.04 13.38
N LYS B 112 -20.15 -14.05 12.73
CA LYS B 112 -20.79 -12.94 13.46
C LYS B 112 -22.17 -13.34 13.96
N TYR B 113 -22.40 -13.03 15.24
CA TYR B 113 -23.63 -13.19 15.96
C TYR B 113 -24.41 -11.86 15.82
N TRP B 114 -25.64 -11.94 15.33
CA TRP B 114 -26.47 -10.77 15.08
C TRP B 114 -27.61 -10.57 16.08
N GLY B 115 -27.97 -11.60 16.84
CA GLY B 115 -29.02 -11.48 17.83
C GLY B 115 -29.64 -12.80 18.17
N SER B 116 -30.48 -12.77 19.18
CA SER B 116 -31.17 -13.97 19.61
C SER B 116 -32.45 -13.59 20.33
N GLY B 117 -33.30 -14.58 20.48
CA GLY B 117 -34.56 -14.36 21.16
C GLY B 117 -35.36 -15.60 21.44
N LEU B 118 -36.62 -15.37 21.77
CA LEU B 118 -37.63 -16.40 21.96
C LEU B 118 -38.77 -16.11 20.99
N HIS B 119 -39.38 -17.16 20.48
CA HIS B 119 -40.54 -17.03 19.61
C HIS B 119 -41.49 -18.16 19.92
N ASP B 120 -42.75 -17.83 20.23
CA ASP B 120 -43.77 -18.84 20.44
C ASP B 120 -44.66 -18.87 19.19
N SER B 125 -41.44 -20.21 23.70
CA SER B 125 -41.70 -21.57 23.24
C SER B 125 -40.44 -22.09 22.41
N TYR B 126 -39.96 -21.28 21.43
CA TYR B 126 -38.77 -21.57 20.55
C TYR B 126 -37.65 -20.56 20.79
N ARG B 127 -36.41 -21.03 20.78
CA ARG B 127 -35.28 -20.14 20.99
C ARG B 127 -34.58 -20.01 19.66
N PHE B 128 -34.16 -18.80 19.32
CA PHE B 128 -33.54 -18.59 18.02
C PHE B 128 -32.29 -17.74 18.13
N MET B 129 -31.44 -17.90 17.11
CA MET B 129 -30.23 -17.12 16.98
C MET B 129 -30.03 -16.74 15.52
N ILE B 130 -29.66 -15.49 15.29
CA ILE B 130 -29.42 -14.96 13.95
C ILE B 130 -27.93 -14.88 13.73
N MET B 131 -27.45 -15.47 12.64
CA MET B 131 -26.02 -15.56 12.33
C MET B 131 -25.78 -15.18 10.87
N ASP B 132 -24.50 -15.00 10.54
CA ASP B 132 -24.06 -14.85 9.15
C ASP B 132 -24.60 -16.00 8.31
N ARG B 133 -24.98 -15.70 7.07
CA ARG B 133 -25.19 -16.72 6.05
C ARG B 133 -23.86 -17.00 5.35
N PHE B 134 -23.57 -18.26 5.09
CA PHE B 134 -22.33 -18.68 4.44
C PHE B 134 -22.60 -19.38 3.10
N GLY B 135 -21.53 -19.64 2.36
CA GLY B 135 -21.59 -20.46 1.16
C GLY B 135 -21.47 -21.94 1.50
N SER B 136 -20.71 -22.66 0.70
CA SER B 136 -20.65 -24.12 0.82
C SER B 136 -19.85 -24.55 2.05
N ASP B 137 -20.17 -25.72 2.57
CA ASP B 137 -19.28 -26.36 3.56
C ASP B 137 -18.13 -27.03 2.81
N LEU B 138 -17.01 -27.24 3.51
CA LEU B 138 -15.84 -27.84 2.88
C LEU B 138 -15.98 -29.32 2.56
N GLN B 139 -16.87 -30.03 3.27
CA GLN B 139 -17.05 -31.46 3.06
C GLN B 139 -17.62 -31.72 1.65
N LYS B 140 -18.61 -30.92 1.24
CA LYS B 140 -19.14 -31.02 -0.14
C LYS B 140 -18.04 -30.82 -1.19
N ILE B 141 -17.21 -29.79 -1.00
CA ILE B 141 -16.12 -29.49 -1.95
C ILE B 141 -15.07 -30.60 -1.97
N TYR B 142 -14.71 -31.09 -0.79
CA TYR B 142 -13.83 -32.24 -0.63
C TYR B 142 -14.33 -33.48 -1.41
N GLU B 143 -15.60 -33.83 -1.21
CA GLU B 143 -16.21 -34.97 -1.88
C GLU B 143 -16.28 -34.79 -3.41
N ALA B 144 -16.54 -33.56 -3.86
CA ALA B 144 -16.52 -33.21 -5.28
C ALA B 144 -15.11 -33.26 -5.88
N ASN B 145 -14.08 -33.17 -5.05
CA ASN B 145 -12.69 -33.30 -5.50
C ASN B 145 -12.13 -34.70 -5.25
N ALA B 146 -13.00 -35.70 -5.26
CA ALA B 146 -12.65 -37.12 -5.03
C ALA B 146 -11.91 -37.33 -3.69
N LYS B 147 -12.38 -36.61 -2.66
CA LYS B 147 -11.85 -36.72 -1.29
C LYS B 147 -10.35 -36.50 -1.18
N ARG B 148 -9.89 -35.42 -1.81
CA ARG B 148 -8.56 -34.90 -1.64
C ARG B 148 -8.61 -33.39 -1.65
N PHE B 149 -7.74 -32.79 -0.84
CA PHE B 149 -7.33 -31.41 -1.01
C PHE B 149 -5.85 -31.45 -1.19
N SER B 150 -5.35 -30.48 -1.96
CA SER B 150 -3.91 -30.37 -2.22
C SER B 150 -3.19 -29.94 -0.95
N ARG B 151 -1.88 -30.16 -0.95
CA ARG B 151 -1.04 -29.73 0.13
C ARG B 151 -1.14 -28.20 0.38
N LYS B 152 -1.11 -27.42 -0.71
CA LYS B 152 -1.34 -25.98 -0.64
C LYS B 152 -2.64 -25.64 0.08
N THR B 153 -3.74 -26.25 -0.35
CA THR B 153 -5.05 -26.01 0.22
C THR B 153 -5.10 -26.39 1.73
N VAL B 154 -4.55 -27.55 2.05
CA VAL B 154 -4.58 -28.03 3.43
C VAL B 154 -3.81 -27.07 4.33
N LEU B 155 -2.64 -26.61 3.88
CA LEU B 155 -1.83 -25.70 4.66
C LEU B 155 -2.54 -24.34 4.86
N GLN B 156 -3.16 -23.83 3.79
CA GLN B 156 -3.85 -22.55 3.83
C GLN B 156 -5.11 -22.62 4.72
N LEU B 157 -5.87 -23.71 4.60
CA LEU B 157 -7.01 -23.95 5.51
C LEU B 157 -6.55 -23.98 6.97
N SER B 158 -5.49 -24.73 7.22
CA SER B 158 -5.02 -24.98 8.58
C SER B 158 -4.42 -23.75 9.25
N LEU B 159 -3.75 -22.89 8.49
CA LEU B 159 -3.30 -21.60 9.03
C LEU B 159 -4.47 -20.77 9.56
N ARG B 160 -5.55 -20.72 8.80
CA ARG B 160 -6.72 -19.94 9.19
C ARG B 160 -7.47 -20.60 10.36
N ILE B 161 -7.48 -21.93 10.39
CA ILE B 161 -8.08 -22.65 11.52
C ILE B 161 -7.25 -22.41 12.79
N LEU B 162 -5.92 -22.36 12.67
CA LEU B 162 -5.09 -21.98 13.81
C LEU B 162 -5.40 -20.57 14.34
N ASP B 163 -5.71 -19.62 13.45
CA ASP B 163 -6.14 -18.28 13.90
C ASP B 163 -7.43 -18.38 14.72
N ILE B 164 -8.38 -19.18 14.23
CA ILE B 164 -9.67 -19.35 14.90
C ILE B 164 -9.48 -20.02 16.28
N LEU B 165 -8.69 -21.08 16.30
CA LEU B 165 -8.46 -21.82 17.53
C LEU B 165 -7.74 -20.97 18.56
N GLU B 166 -6.72 -20.22 18.13
CA GLU B 166 -6.02 -19.35 19.06
C GLU B 166 -7.02 -18.34 19.66
N TYR B 167 -7.88 -17.77 18.81
CA TYR B 167 -8.91 -16.83 19.29
C TYR B 167 -9.81 -17.44 20.33
N ILE B 168 -10.45 -18.57 19.99
CA ILE B 168 -11.38 -19.14 20.94
C ILE B 168 -10.70 -19.58 22.23
N HIS B 169 -9.52 -20.18 22.11
CA HIS B 169 -8.76 -20.62 23.26
C HIS B 169 -8.41 -19.46 24.21
N GLU B 170 -8.01 -18.34 23.62
CA GLU B 170 -7.72 -17.16 24.43
C GLU B 170 -8.96 -16.54 25.04
N HIS B 171 -10.14 -16.92 24.57
CA HIS B 171 -11.41 -16.49 25.14
C HIS B 171 -12.11 -17.62 25.91
N GLU B 172 -11.30 -18.55 26.41
CA GLU B 172 -11.69 -19.57 27.40
C GLU B 172 -12.43 -20.78 26.85
N TYR B 173 -12.52 -20.92 25.53
CA TYR B 173 -13.27 -22.00 24.93
C TYR B 173 -12.44 -22.91 24.03
N VAL B 174 -12.83 -24.18 23.98
CA VAL B 174 -12.38 -25.12 22.94
C VAL B 174 -13.57 -25.58 22.13
N HIS B 175 -13.34 -25.95 20.88
CA HIS B 175 -14.42 -26.35 19.97
C HIS B 175 -14.75 -27.85 20.07
N GLY B 176 -13.73 -28.68 19.99
CA GLY B 176 -13.88 -30.14 20.14
C GLY B 176 -14.44 -30.92 18.96
N ASP B 177 -14.72 -30.26 17.84
CA ASP B 177 -15.37 -30.92 16.72
C ASP B 177 -15.05 -30.28 15.37
N ILE B 178 -13.78 -29.96 15.21
CA ILE B 178 -13.28 -29.43 13.95
C ILE B 178 -13.39 -30.55 12.89
N LYS B 179 -14.01 -30.21 11.76
CA LYS B 179 -14.13 -31.11 10.63
C LYS B 179 -14.66 -30.33 9.43
N ALA B 180 -14.50 -30.90 8.24
CA ALA B 180 -14.89 -30.21 7.00
C ALA B 180 -16.35 -29.80 6.93
N SER B 181 -17.25 -30.60 7.48
CA SER B 181 -18.67 -30.27 7.51
C SER B 181 -19.00 -29.11 8.48
N ASN B 182 -18.07 -28.75 9.36
CA ASN B 182 -18.21 -27.55 10.22
C ASN B 182 -17.36 -26.38 9.77
N LEU B 183 -16.88 -26.45 8.52
CA LEU B 183 -16.09 -25.38 7.95
C LEU B 183 -16.84 -24.86 6.71
N LEU B 184 -17.24 -23.60 6.77
CA LEU B 184 -18.04 -22.96 5.72
C LEU B 184 -17.27 -21.80 5.11
N LEU B 185 -17.46 -21.59 3.82
CA LEU B 185 -16.81 -20.49 3.13
C LEU B 185 -17.66 -19.24 3.25
N ASN B 186 -17.00 -18.09 3.31
CA ASN B 186 -17.66 -16.79 3.23
C ASN B 186 -18.51 -16.79 1.92
N TYR B 187 -19.79 -16.42 2.06
CA TYR B 187 -20.74 -16.42 0.94
C TYR B 187 -20.25 -15.59 -0.25
N LYS B 188 -19.53 -14.51 0.04
CA LYS B 188 -19.02 -13.59 -0.98
C LYS B 188 -17.51 -13.68 -1.19
N ASN B 189 -16.81 -14.63 -0.54
CA ASN B 189 -15.35 -14.73 -0.68
C ASN B 189 -14.89 -16.18 -0.40
N PRO B 190 -14.65 -16.95 -1.47
CA PRO B 190 -14.31 -18.36 -1.29
C PRO B 190 -12.89 -18.65 -0.76
N ASP B 191 -12.11 -17.62 -0.44
CA ASP B 191 -10.83 -17.81 0.23
C ASP B 191 -10.90 -17.63 1.75
N GLN B 192 -12.10 -17.42 2.28
CA GLN B 192 -12.28 -17.19 3.72
C GLN B 192 -13.11 -18.32 4.28
N VAL B 193 -12.49 -19.09 5.18
CA VAL B 193 -13.16 -20.24 5.78
C VAL B 193 -13.48 -19.90 7.24
N TYR B 194 -14.67 -20.33 7.66
CA TYR B 194 -15.21 -20.11 9.00
C TYR B 194 -15.51 -21.44 9.69
N LEU B 195 -15.24 -21.49 10.99
CA LEU B 195 -15.56 -22.64 11.81
C LEU B 195 -16.90 -22.35 12.49
N VAL B 196 -17.86 -23.27 12.30
CA VAL B 196 -19.17 -23.13 12.89
C VAL B 196 -19.49 -24.24 13.89
N ASP B 197 -20.64 -24.08 14.53
CA ASP B 197 -21.22 -25.04 15.47
C ASP B 197 -20.47 -25.10 16.80
N TYR B 198 -20.91 -24.29 17.74
CA TYR B 198 -20.32 -24.21 19.09
C TYR B 198 -21.32 -24.73 20.13
N GLY B 199 -22.30 -25.53 19.68
CA GLY B 199 -23.30 -26.10 20.61
C GLY B 199 -22.73 -27.07 21.64
N LEU B 200 -21.63 -27.73 21.32
CA LEU B 200 -20.90 -28.55 22.24
C LEU B 200 -19.49 -28.02 22.54
N ALA B 201 -19.28 -26.71 22.33
CA ALA B 201 -18.05 -26.06 22.75
C ALA B 201 -17.94 -26.10 24.26
N TYR B 202 -16.74 -26.00 24.77
CA TYR B 202 -16.49 -26.20 26.19
C TYR B 202 -15.66 -25.08 26.73
N ARG B 203 -16.13 -24.50 27.83
CA ARG B 203 -15.41 -23.44 28.51
C ARG B 203 -14.38 -24.07 29.45
N TYR B 204 -13.18 -24.30 28.90
CA TYR B 204 -12.14 -25.07 29.56
C TYR B 204 -11.38 -24.25 30.59
N CYS B 205 -11.48 -22.92 30.54
CA CYS B 205 -10.65 -22.08 31.41
C CYS B 205 -11.46 -20.89 31.96
N PRO B 206 -12.60 -21.15 32.63
CA PRO B 206 -13.42 -20.03 33.14
C PRO B 206 -12.62 -19.17 34.11
N GLU B 207 -12.58 -17.86 33.83
CA GLU B 207 -11.81 -16.87 34.61
C GLU B 207 -10.34 -17.22 34.75
N GLY B 208 -9.76 -17.82 33.72
CA GLY B 208 -8.36 -18.20 33.74
C GLY B 208 -7.95 -19.40 34.55
N VAL B 209 -8.92 -20.15 35.06
CA VAL B 209 -8.64 -21.35 35.83
C VAL B 209 -8.92 -22.59 34.98
N HIS B 210 -7.88 -23.32 34.63
CA HIS B 210 -8.03 -24.48 33.73
C HIS B 210 -8.74 -25.63 34.43
N LYS B 211 -9.69 -26.25 33.74
CA LYS B 211 -10.32 -27.48 34.19
C LYS B 211 -9.29 -28.54 34.50
N ALA B 212 -9.41 -29.22 35.65
CA ALA B 212 -8.40 -30.20 36.02
C ALA B 212 -8.68 -31.49 35.23
N TYR B 213 -7.62 -32.23 34.94
CA TYR B 213 -7.70 -33.50 34.23
C TYR B 213 -8.53 -34.48 35.08
N ALA B 214 -9.58 -35.02 34.49
CA ALA B 214 -10.27 -36.16 35.07
C ALA B 214 -11.07 -36.91 34.02
N ALA B 215 -11.13 -38.23 34.15
CA ALA B 215 -11.83 -39.06 33.19
C ALA B 215 -13.23 -39.30 33.72
N ASP B 216 -14.20 -38.94 32.91
CA ASP B 216 -15.61 -39.01 33.25
C ASP B 216 -16.24 -40.00 32.29
N PRO B 217 -16.75 -41.15 32.78
CA PRO B 217 -17.38 -42.13 31.87
C PRO B 217 -18.54 -41.58 31.02
N LYS B 218 -19.24 -40.56 31.53
CA LYS B 218 -20.30 -39.88 30.76
C LYS B 218 -19.79 -39.11 29.52
N ARG B 219 -18.51 -38.73 29.52
CA ARG B 219 -17.91 -38.00 28.39
C ARG B 219 -17.14 -38.88 27.36
N CYS B 220 -16.93 -40.16 27.66
CA CYS B 220 -16.13 -40.98 26.76
C CYS B 220 -16.64 -40.93 25.33
N HIS B 221 -15.69 -40.69 24.44
CA HIS B 221 -15.93 -40.63 22.99
C HIS B 221 -16.79 -39.48 22.49
N ASP B 222 -16.86 -38.34 23.21
CA ASP B 222 -17.48 -37.15 22.69
C ASP B 222 -16.74 -36.65 21.44
N GLY B 223 -17.43 -35.85 20.63
CA GLY B 223 -16.94 -35.37 19.35
C GLY B 223 -17.33 -36.29 18.21
N THR B 224 -16.67 -36.15 17.06
CA THR B 224 -16.90 -37.00 15.90
C THR B 224 -15.84 -38.08 15.92
N ILE B 225 -16.28 -39.33 16.00
CA ILE B 225 -15.38 -40.40 16.42
C ILE B 225 -14.08 -40.51 15.60
N GLU B 226 -14.15 -40.35 14.28
CA GLU B 226 -12.92 -40.51 13.50
C GLU B 226 -11.90 -39.39 13.72
N PHE B 227 -12.35 -38.21 14.13
CA PHE B 227 -11.46 -37.05 14.34
C PHE B 227 -11.21 -36.66 15.78
N THR B 228 -11.98 -37.21 16.74
CA THR B 228 -11.92 -36.69 18.11
C THR B 228 -10.59 -36.99 18.78
N SER B 229 -10.29 -36.26 19.86
CA SER B 229 -9.03 -36.39 20.56
C SER B 229 -8.98 -37.66 21.44
N ILE B 230 -7.75 -38.10 21.71
CA ILE B 230 -7.53 -39.18 22.69
C ILE B 230 -8.14 -38.79 24.06
N ASP B 231 -7.96 -37.53 24.47
CA ASP B 231 -8.59 -37.04 25.70
C ASP B 231 -10.09 -37.32 25.70
N ALA B 232 -10.78 -36.94 24.62
CA ALA B 232 -12.20 -37.16 24.49
C ALA B 232 -12.58 -38.63 24.55
N HIS B 233 -11.80 -39.47 23.85
CA HIS B 233 -12.01 -40.92 23.94
C HIS B 233 -11.88 -41.44 25.37
N ASN B 234 -10.97 -40.84 26.15
CA ASN B 234 -10.74 -41.23 27.53
C ASN B 234 -11.78 -40.65 28.52
N GLY B 235 -12.77 -39.92 28.01
CA GLY B 235 -13.78 -39.23 28.82
C GLY B 235 -13.29 -38.01 29.57
N VAL B 236 -12.23 -37.40 29.07
CA VAL B 236 -11.66 -36.21 29.68
C VAL B 236 -12.23 -35.00 28.99
N ALA B 237 -12.55 -33.95 29.73
CA ALA B 237 -13.11 -32.74 29.11
C ALA B 237 -12.12 -32.19 28.08
N PRO B 238 -12.61 -31.68 26.96
CA PRO B 238 -11.68 -31.24 25.90
C PRO B 238 -10.83 -30.05 26.32
N SER B 239 -9.57 -30.03 25.88
CA SER B 239 -8.70 -28.87 26.12
C SER B 239 -7.99 -28.45 24.84
N ARG B 240 -7.02 -27.56 24.96
CA ARG B 240 -6.45 -26.95 23.77
C ARG B 240 -5.70 -27.98 22.93
N ARG B 241 -4.94 -28.87 23.57
CA ARG B 241 -4.21 -29.86 22.80
C ARG B 241 -5.16 -30.73 21.95
N GLY B 242 -6.34 -31.03 22.48
CA GLY B 242 -7.33 -31.83 21.78
C GLY B 242 -7.77 -31.17 20.48
N ASP B 243 -8.01 -29.86 20.51
CA ASP B 243 -8.41 -29.15 19.31
C ASP B 243 -7.32 -29.26 18.22
N LEU B 244 -6.06 -29.15 18.64
CA LEU B 244 -4.94 -29.21 17.70
C LEU B 244 -4.77 -30.61 17.16
N GLU B 245 -5.02 -31.61 17.99
CA GLU B 245 -4.97 -33.01 17.58
C GLU B 245 -6.03 -33.30 16.54
N ILE B 246 -7.24 -32.83 16.79
CA ILE B 246 -8.37 -32.98 15.85
C ILE B 246 -7.98 -32.38 14.49
N LEU B 247 -7.44 -31.17 14.50
CA LEU B 247 -7.01 -30.55 13.25
C LEU B 247 -5.97 -31.41 12.53
N GLY B 248 -5.07 -32.01 13.29
CA GLY B 248 -4.09 -32.96 12.76
C GLY B 248 -4.69 -34.09 12.00
N TYR B 249 -5.70 -34.74 12.60
CA TYR B 249 -6.41 -35.84 11.92
C TYR B 249 -7.16 -35.34 10.69
N CYS B 250 -7.77 -34.16 10.78
CA CYS B 250 -8.38 -33.54 9.60
C CYS B 250 -7.36 -33.35 8.47
N MET B 251 -6.18 -32.83 8.77
CA MET B 251 -5.16 -32.55 7.75
C MET B 251 -4.78 -33.83 7.02
N ILE B 252 -4.62 -34.92 7.76
CA ILE B 252 -4.26 -36.21 7.17
C ILE B 252 -5.40 -36.72 6.29
N GLN B 253 -6.62 -36.70 6.82
CA GLN B 253 -7.80 -37.08 6.06
C GLN B 253 -7.89 -36.30 4.75
N TRP B 254 -7.66 -35.00 4.82
CA TRP B 254 -7.81 -34.12 3.66
C TRP B 254 -6.73 -34.42 2.61
N LEU B 255 -5.49 -34.61 3.05
CA LEU B 255 -4.38 -34.89 2.18
C LEU B 255 -4.47 -36.25 1.49
N THR B 256 -4.99 -37.26 2.19
CA THR B 256 -4.86 -38.66 1.76
C THR B 256 -6.18 -39.36 1.41
N GLY B 257 -7.31 -38.77 1.76
CA GLY B 257 -8.59 -39.43 1.66
C GLY B 257 -8.96 -40.43 2.74
N HIS B 258 -8.07 -40.68 3.70
CA HIS B 258 -8.24 -41.77 4.66
C HIS B 258 -7.65 -41.47 6.04
N LEU B 259 -8.13 -42.23 7.03
CA LEU B 259 -7.46 -42.36 8.30
C LEU B 259 -7.38 -43.86 8.65
N PRO B 260 -6.37 -44.27 9.42
CA PRO B 260 -6.13 -45.70 9.62
C PRO B 260 -7.26 -46.47 10.30
N TRP B 261 -8.04 -45.80 11.14
CA TRP B 261 -9.06 -46.43 11.97
C TRP B 261 -10.45 -46.35 11.33
N GLU B 262 -10.54 -45.85 10.08
CA GLU B 262 -11.82 -45.53 9.47
C GLU B 262 -12.70 -46.76 9.14
N ASP B 263 -12.11 -47.94 9.10
CA ASP B 263 -12.88 -49.17 8.85
C ASP B 263 -13.50 -49.80 10.08
N ASN B 264 -13.27 -49.24 11.26
CA ASN B 264 -13.95 -49.80 12.44
C ASN B 264 -14.37 -48.70 13.40
N LEU B 265 -15.10 -47.74 12.85
CA LEU B 265 -15.60 -46.61 13.63
C LEU B 265 -16.74 -47.00 14.57
N LYS B 266 -17.34 -48.17 14.38
CA LYS B 266 -18.33 -48.71 15.29
C LYS B 266 -17.71 -49.33 16.54
N ASP B 267 -16.38 -49.41 16.62
CA ASP B 267 -15.67 -49.88 17.81
C ASP B 267 -14.85 -48.73 18.41
N PRO B 268 -15.44 -47.97 19.32
CA PRO B 268 -14.75 -46.79 19.84
C PRO B 268 -13.45 -47.12 20.57
N LYS B 269 -13.39 -48.29 21.23
CA LYS B 269 -12.18 -48.67 21.93
C LYS B 269 -11.04 -48.89 20.95
N TYR B 270 -11.35 -49.48 19.80
CA TYR B 270 -10.37 -49.68 18.72
C TYR B 270 -9.88 -48.33 18.18
N VAL B 271 -10.79 -47.39 17.96
CA VAL B 271 -10.40 -46.07 17.46
C VAL B 271 -9.47 -45.39 18.46
N ARG B 272 -9.85 -45.40 19.74
CA ARG B 272 -8.98 -44.85 20.77
C ARG B 272 -7.60 -45.48 20.79
N ASP B 273 -7.59 -46.81 20.83
CA ASP B 273 -6.34 -47.55 20.92
C ASP B 273 -5.46 -47.31 19.71
N SER B 274 -6.04 -47.21 18.53
CA SER B 274 -5.27 -46.90 17.31
C SER B 274 -4.64 -45.52 17.39
N LYS B 275 -5.42 -44.51 17.80
CA LYS B 275 -4.86 -43.17 17.98
C LYS B 275 -3.74 -43.15 18.99
N ILE B 276 -3.90 -43.88 20.11
CA ILE B 276 -2.86 -43.91 21.14
C ILE B 276 -1.58 -44.54 20.55
N ARG B 277 -1.74 -45.64 19.83
CA ARG B 277 -0.62 -46.34 19.21
C ARG B 277 0.11 -45.45 18.21
N TYR B 278 -0.65 -44.73 17.40
CA TYR B 278 -0.09 -43.80 16.42
C TYR B 278 0.46 -42.50 16.99
N ARG B 279 0.04 -42.13 18.19
CA ARG B 279 0.72 -41.06 18.93
C ARG B 279 2.06 -41.53 19.50
N GLU B 280 2.08 -42.73 20.05
CA GLU B 280 3.31 -43.32 20.59
C GLU B 280 4.36 -43.49 19.48
N ASN B 281 3.91 -43.78 18.26
CA ASN B 281 4.80 -44.01 17.11
C ASN B 281 4.31 -43.24 15.89
N ILE B 282 4.69 -41.96 15.86
CA ILE B 282 4.25 -41.05 14.81
C ILE B 282 4.86 -41.47 13.44
N ALA B 283 6.09 -41.96 13.45
CA ALA B 283 6.69 -42.47 12.19
C ALA B 283 5.81 -43.55 11.56
N SER B 284 5.23 -44.45 12.38
CA SER B 284 4.32 -45.46 11.88
C SER B 284 3.03 -44.87 11.34
N LEU B 285 2.55 -43.78 11.94
CA LEU B 285 1.40 -43.09 11.39
C LEU B 285 1.70 -42.52 10.00
N MET B 286 2.86 -41.87 9.86
CA MET B 286 3.24 -41.30 8.58
C MET B 286 3.38 -42.43 7.51
N ASP B 287 3.99 -43.54 7.89
CA ASP B 287 4.13 -44.71 6.96
C ASP B 287 2.78 -45.26 6.55
N LYS B 288 1.86 -45.34 7.49
CA LYS B 288 0.54 -45.84 7.22
C LYS B 288 -0.28 -44.94 6.32
N CYS B 289 -0.24 -43.64 6.56
CA CYS B 289 -1.10 -42.71 5.84
C CYS B 289 -0.54 -42.22 4.51
N PHE B 290 0.77 -42.18 4.37
CA PHE B 290 1.44 -41.68 3.18
C PHE B 290 2.34 -42.82 2.69
N PRO B 291 1.71 -43.96 2.35
CA PRO B 291 2.52 -45.16 2.09
C PRO B 291 3.40 -44.96 0.86
N ALA B 292 4.54 -45.62 0.85
CA ALA B 292 5.41 -45.60 -0.29
C ALA B 292 5.64 -44.21 -0.86
N ALA B 293 6.03 -43.29 0.00
CA ALA B 293 6.26 -41.87 -0.42
C ALA B 293 6.77 -41.02 0.73
N ASN B 294 7.18 -39.80 0.42
CA ASN B 294 7.54 -38.84 1.44
C ASN B 294 6.24 -38.42 2.10
N ALA B 295 6.15 -38.60 3.42
CA ALA B 295 5.16 -37.90 4.22
C ALA B 295 5.56 -36.44 4.13
N PRO B 296 4.62 -35.51 3.96
CA PRO B 296 4.97 -34.08 4.14
C PRO B 296 5.52 -33.81 5.52
N GLY B 297 6.77 -33.32 5.56
CA GLY B 297 7.50 -33.12 6.80
C GLY B 297 6.80 -32.26 7.85
N GLU B 298 6.08 -31.25 7.38
CA GLU B 298 5.34 -30.35 8.28
C GLU B 298 4.22 -31.08 9.05
N ILE B 299 3.63 -32.10 8.46
CA ILE B 299 2.56 -32.86 9.11
C ILE B 299 3.16 -33.67 10.24
N ALA B 300 4.28 -34.33 10.01
CA ALA B 300 4.96 -35.05 11.07
C ALA B 300 5.40 -34.12 12.20
N LYS B 301 5.97 -32.98 11.86
CA LYS B 301 6.42 -32.02 12.88
C LYS B 301 5.22 -31.47 13.69
N TYR B 302 4.14 -31.20 12.99
CA TYR B 302 2.89 -30.76 13.62
C TYR B 302 2.42 -31.80 14.65
N MET B 303 2.33 -33.05 14.23
CA MET B 303 1.93 -34.15 15.14
C MET B 303 2.88 -34.35 16.30
N GLU B 304 4.17 -34.23 16.07
CA GLU B 304 5.15 -34.29 17.16
C GLU B 304 4.96 -33.17 18.16
N THR B 305 4.66 -31.99 17.67
CA THR B 305 4.47 -30.81 18.54
C THR B 305 3.22 -30.98 19.40
N VAL B 306 2.14 -31.46 18.80
CA VAL B 306 0.89 -31.75 19.53
C VAL B 306 1.12 -32.84 20.59
N LYS B 307 1.88 -33.88 20.22
CA LYS B 307 2.23 -34.94 21.17
C LYS B 307 2.92 -34.40 22.44
N LEU B 308 3.75 -33.39 22.26
CA LEU B 308 4.48 -32.79 23.38
C LEU B 308 3.62 -31.95 24.32
N LEU B 309 2.39 -31.60 23.91
CA LEU B 309 1.52 -30.78 24.77
C LEU B 309 0.95 -31.57 25.93
N ASP B 310 1.06 -31.02 27.14
CA ASP B 310 0.31 -31.52 28.28
C ASP B 310 -1.13 -31.04 28.24
N TYR B 311 -1.99 -31.71 29.00
CA TYR B 311 -3.40 -31.42 29.01
C TYR B 311 -3.74 -29.94 29.29
N THR B 312 -3.03 -29.30 30.22
CA THR B 312 -3.33 -27.89 30.56
C THR B 312 -2.43 -26.89 29.84
N GLU B 313 -1.51 -27.38 29.01
CA GLU B 313 -0.49 -26.54 28.43
C GLU B 313 -1.02 -25.58 27.35
N LYS B 314 -0.55 -24.34 27.41
CA LYS B 314 -0.83 -23.37 26.37
C LYS B 314 0.03 -23.69 25.14
N PRO B 315 -0.59 -23.92 23.97
CA PRO B 315 0.22 -24.14 22.78
C PRO B 315 1.03 -22.90 22.41
N LEU B 316 2.17 -23.13 21.76
CA LEU B 316 2.93 -22.08 21.13
C LEU B 316 2.43 -21.97 19.70
N TYR B 317 1.40 -21.13 19.51
CA TYR B 317 0.68 -21.07 18.26
C TYR B 317 1.59 -20.57 17.13
N GLU B 318 2.54 -19.69 17.45
CA GLU B 318 3.43 -19.15 16.40
C GLU B 318 4.34 -20.26 15.84
N ASN B 319 4.82 -21.14 16.72
CA ASN B 319 5.64 -22.31 16.35
C ASN B 319 4.82 -23.25 15.42
N LEU B 320 3.54 -23.46 15.72
CA LEU B 320 2.68 -24.27 14.85
C LEU B 320 2.49 -23.61 13.51
N ARG B 321 2.30 -22.30 13.52
CA ARG B 321 2.12 -21.58 12.25
C ARG B 321 3.43 -21.68 11.41
N ASP B 322 4.56 -21.50 12.10
CA ASP B 322 5.85 -21.58 11.41
C ASP B 322 6.08 -22.94 10.80
N ILE B 323 5.67 -24.01 11.50
CA ILE B 323 5.74 -25.38 10.95
C ILE B 323 4.98 -25.46 9.64
N LEU B 324 3.76 -24.92 9.60
CA LEU B 324 2.95 -25.01 8.39
C LEU B 324 3.52 -24.11 7.29
N LEU B 325 4.05 -22.95 7.68
CA LEU B 325 4.70 -22.03 6.72
C LEU B 325 5.91 -22.66 6.03
N GLN B 326 6.69 -23.49 6.76
CA GLN B 326 7.80 -24.26 6.19
C GLN B 326 7.31 -25.19 5.11
N GLY B 327 6.11 -25.76 5.29
CA GLY B 327 5.46 -26.57 4.28
C GLY B 327 5.17 -25.82 2.98
N LEU B 328 4.65 -24.59 3.11
CA LEU B 328 4.37 -23.77 1.97
C LEU B 328 5.67 -23.42 1.22
N LYS B 329 6.70 -23.04 1.95
CA LYS B 329 8.04 -22.78 1.41
C LYS B 329 8.57 -24.00 0.63
N ALA B 330 8.45 -25.19 1.24
CA ALA B 330 8.92 -26.43 0.63
C ALA B 330 8.23 -26.76 -0.70
N ILE B 331 6.97 -26.38 -0.88
CA ILE B 331 6.30 -26.57 -2.17
C ILE B 331 6.41 -25.37 -3.12
N GLY B 332 7.26 -24.40 -2.80
CA GLY B 332 7.44 -23.23 -3.66
C GLY B 332 6.29 -22.25 -3.62
N SER B 333 5.62 -22.15 -2.47
CA SER B 333 4.52 -21.20 -2.33
C SER B 333 4.78 -20.31 -1.13
N LYS B 334 3.74 -19.60 -0.72
CA LYS B 334 3.78 -18.74 0.45
C LYS B 334 2.35 -18.56 0.94
N ASP B 335 2.21 -17.99 2.14
CA ASP B 335 0.87 -17.70 2.66
C ASP B 335 0.32 -16.45 2.00
N ASP B 336 -0.41 -16.66 0.91
CA ASP B 336 -1.05 -15.60 0.16
C ASP B 336 -2.57 -15.66 0.35
N GLY B 337 -3.04 -16.40 1.35
CA GLY B 337 -4.47 -16.49 1.63
C GLY B 337 -5.32 -17.23 0.62
N LYS B 338 -4.71 -17.86 -0.38
CA LYS B 338 -5.45 -18.50 -1.46
C LYS B 338 -5.71 -19.96 -1.10
N LEU B 339 -6.97 -20.34 -0.99
CA LEU B 339 -7.32 -21.70 -0.59
C LEU B 339 -7.24 -22.69 -1.74
N ASP B 340 -7.28 -22.18 -2.99
CA ASP B 340 -7.21 -23.01 -4.20
C ASP B 340 -8.25 -24.11 -4.24
N LEU B 341 -9.48 -23.76 -3.90
CA LEU B 341 -10.58 -24.73 -3.96
C LEU B 341 -11.26 -24.72 -5.35
N GLU C 21 28.70 -21.48 -48.25
CA GLU C 21 30.16 -21.66 -47.98
C GLU C 21 30.48 -22.28 -46.63
N GLN C 22 29.65 -22.11 -45.61
CA GLN C 22 30.01 -22.52 -44.25
C GLN C 22 29.77 -24.00 -43.99
N PHE C 23 28.76 -24.57 -44.63
CA PHE C 23 28.46 -25.99 -44.49
C PHE C 23 28.31 -26.64 -45.87
N ALA C 24 28.56 -27.96 -45.91
CA ALA C 24 28.24 -28.77 -47.05
C ALA C 24 26.83 -29.28 -46.86
N VAL C 25 25.98 -29.22 -47.88
CA VAL C 25 24.69 -29.92 -47.87
C VAL C 25 24.87 -31.39 -47.48
N GLY C 26 24.03 -31.90 -46.59
CA GLY C 26 24.19 -33.21 -45.97
C GLY C 26 25.11 -33.34 -44.76
N GLU C 27 25.89 -32.31 -44.43
CA GLU C 27 26.81 -32.38 -43.30
C GLU C 27 26.05 -32.45 -41.97
N ILE C 28 26.63 -33.11 -40.97
CA ILE C 28 26.00 -33.33 -39.68
C ILE C 28 26.71 -32.43 -38.71
N ILE C 29 25.95 -31.58 -38.03
CA ILE C 29 26.53 -30.66 -37.05
C ILE C 29 25.91 -30.98 -35.69
N THR C 30 26.74 -30.82 -34.67
CA THR C 30 26.36 -31.09 -33.29
C THR C 30 26.44 -29.77 -32.51
N ASP C 31 25.35 -29.46 -31.82
CA ASP C 31 25.27 -28.17 -31.07
C ASP C 31 25.89 -28.34 -29.67
N MET C 32 25.91 -27.28 -28.89
CA MET C 32 26.54 -27.34 -27.56
C MET C 32 25.86 -28.31 -26.58
N ALA C 33 24.58 -28.62 -26.81
CA ALA C 33 23.87 -29.59 -25.99
C ALA C 33 23.99 -31.02 -26.52
N ALA C 34 24.90 -31.23 -27.49
CA ALA C 34 25.12 -32.51 -28.16
C ALA C 34 23.95 -33.01 -28.99
N ALA C 35 23.02 -32.13 -29.36
CA ALA C 35 21.94 -32.50 -30.28
C ALA C 35 22.49 -32.48 -31.70
N ALA C 36 22.12 -33.47 -32.49
CA ALA C 36 22.64 -33.60 -33.87
C ALA C 36 21.66 -33.06 -34.89
N TRP C 37 22.19 -32.33 -35.87
CA TRP C 37 21.40 -31.72 -36.93
C TRP C 37 22.07 -32.03 -38.27
N LYS C 38 21.27 -32.05 -39.33
CA LYS C 38 21.77 -32.22 -40.70
C LYS C 38 21.44 -30.96 -41.48
N VAL C 39 22.39 -30.49 -42.26
CA VAL C 39 22.30 -29.23 -43.01
C VAL C 39 21.82 -29.54 -44.45
N GLY C 40 20.91 -28.71 -44.94
CA GLY C 40 20.42 -28.75 -46.31
C GLY C 40 20.93 -27.57 -47.12
N LEU C 41 20.13 -27.13 -48.09
CA LEU C 41 20.59 -26.10 -49.02
C LEU C 41 20.45 -24.69 -48.42
N PRO C 42 21.24 -23.71 -48.92
CA PRO C 42 21.01 -22.33 -48.55
C PRO C 42 19.60 -21.82 -48.95
N ILE C 43 19.15 -20.77 -48.30
CA ILE C 43 17.87 -20.12 -48.56
C ILE C 43 18.05 -18.60 -48.69
N CYS C 50 23.64 -15.51 -43.74
CA CYS C 50 24.03 -16.88 -44.11
C CYS C 50 23.15 -17.89 -43.39
N ILE C 51 22.24 -18.49 -44.14
CA ILE C 51 21.18 -19.35 -43.61
C ILE C 51 21.07 -20.60 -44.47
N TYR C 52 20.89 -21.75 -43.85
CA TYR C 52 20.64 -23.02 -44.53
C TYR C 52 19.40 -23.68 -43.93
N LEU C 53 18.70 -24.44 -44.77
CA LEU C 53 17.69 -25.36 -44.27
C LEU C 53 18.34 -26.42 -43.40
N ALA C 54 17.60 -26.97 -42.47
CA ALA C 54 18.15 -27.95 -41.51
C ALA C 54 17.06 -28.81 -40.94
N ASP C 55 17.45 -29.97 -40.44
CA ASP C 55 16.53 -30.86 -39.72
C ASP C 55 17.33 -31.67 -38.72
N MET C 56 16.64 -32.45 -37.92
CA MET C 56 17.28 -33.44 -37.04
C MET C 56 18.11 -34.40 -37.88
N ASN C 57 19.18 -34.91 -37.30
CA ASN C 57 20.02 -35.89 -37.97
C ASN C 57 19.19 -37.16 -38.25
N SER C 58 19.27 -37.62 -39.50
CA SER C 58 18.67 -38.89 -39.93
C SER C 58 19.40 -39.36 -41.17
N SER C 59 19.05 -40.57 -41.62
CA SER C 59 19.56 -41.10 -42.89
C SER C 59 19.07 -40.34 -44.12
N GLU C 60 17.87 -39.74 -44.04
CA GLU C 60 17.32 -38.93 -45.15
C GLU C 60 18.11 -37.61 -45.35
N SER C 61 18.12 -37.11 -46.58
CA SER C 61 18.67 -35.77 -46.86
C SER C 61 17.66 -34.72 -46.41
N VAL C 62 18.15 -33.51 -46.16
CA VAL C 62 17.28 -32.42 -45.73
C VAL C 62 16.58 -31.88 -46.97
N GLY C 63 15.25 -31.89 -46.94
CA GLY C 63 14.45 -31.49 -48.10
C GLY C 63 14.08 -30.02 -48.13
N SER C 64 13.37 -29.67 -49.21
CA SER C 64 12.84 -28.32 -49.42
C SER C 64 11.77 -27.93 -48.39
N ASP C 65 11.15 -28.91 -47.73
CA ASP C 65 10.18 -28.67 -46.65
C ASP C 65 10.74 -28.78 -45.22
N ALA C 66 12.04 -28.55 -45.06
CA ALA C 66 12.72 -28.68 -43.75
C ALA C 66 12.06 -27.78 -42.69
N PRO C 67 11.84 -28.31 -41.47
CA PRO C 67 11.22 -27.52 -40.42
C PRO C 67 12.15 -26.54 -39.68
N CYS C 68 13.44 -26.55 -39.94
CA CYS C 68 14.38 -25.63 -39.25
C CYS C 68 15.31 -24.94 -40.23
N VAL C 69 15.93 -23.88 -39.73
CA VAL C 69 17.05 -23.26 -40.41
C VAL C 69 18.19 -23.12 -39.46
N VAL C 70 19.38 -23.05 -40.00
CA VAL C 70 20.56 -22.77 -39.24
C VAL C 70 21.11 -21.43 -39.73
N LYS C 71 21.28 -20.49 -38.80
CA LYS C 71 21.91 -19.20 -39.10
C LYS C 71 23.34 -19.29 -38.64
N VAL C 72 24.25 -18.74 -39.44
CA VAL C 72 25.67 -18.70 -39.12
C VAL C 72 26.20 -17.29 -39.37
N GLU C 73 27.02 -16.81 -38.46
CA GLU C 73 27.70 -15.52 -38.59
C GLU C 73 29.07 -15.67 -37.95
N PRO C 74 30.01 -14.79 -38.31
CA PRO C 74 31.26 -14.77 -37.54
C PRO C 74 31.00 -14.64 -36.01
N SER C 75 31.84 -15.28 -35.19
CA SER C 75 31.74 -15.18 -33.75
C SER C 75 31.79 -13.74 -33.21
N ASP C 76 32.45 -12.83 -33.95
CA ASP C 76 32.45 -11.41 -33.58
C ASP C 76 31.21 -10.59 -34.00
N ASN C 77 30.24 -11.23 -34.68
CA ASN C 77 28.99 -10.56 -35.02
C ASN C 77 28.15 -10.25 -33.76
N GLY C 78 27.98 -8.97 -33.46
CA GLY C 78 27.25 -8.53 -32.28
C GLY C 78 25.78 -8.89 -32.32
N PRO C 79 25.10 -8.62 -33.47
CA PRO C 79 23.66 -8.92 -33.51
C PRO C 79 23.31 -10.39 -33.26
N LEU C 80 24.07 -11.33 -33.80
CA LEU C 80 23.75 -12.74 -33.58
C LEU C 80 23.94 -13.10 -32.13
N PHE C 81 24.91 -12.51 -31.43
CA PHE C 81 25.06 -12.75 -30.00
C PHE C 81 23.80 -12.23 -29.24
N THR C 82 23.39 -11.00 -29.56
CA THR C 82 22.21 -10.41 -28.95
C THR C 82 20.97 -11.29 -29.18
N GLU C 83 20.80 -11.71 -30.43
CA GLU C 83 19.67 -12.52 -30.83
C GLU C 83 19.68 -13.87 -30.13
N LEU C 84 20.84 -14.49 -30.10
CA LEU C 84 21.02 -15.79 -29.46
C LEU C 84 20.67 -15.71 -27.97
N LYS C 85 21.12 -14.67 -27.28
CA LYS C 85 20.77 -14.51 -25.87
C LYS C 85 19.27 -14.35 -25.68
N PHE C 86 18.63 -13.58 -26.57
CA PHE C 86 17.18 -13.45 -26.49
C PHE C 86 16.51 -14.87 -26.59
N TYR C 87 16.88 -15.60 -27.62
CA TYR C 87 16.27 -16.92 -27.85
C TYR C 87 16.54 -17.90 -26.71
N GLN C 88 17.75 -17.88 -26.16
CA GLN C 88 18.09 -18.73 -25.02
C GLN C 88 17.30 -18.40 -23.76
N ARG C 89 17.07 -17.11 -23.53
CA ARG C 89 16.38 -16.66 -22.33
C ARG C 89 14.87 -16.75 -22.42
N ALA C 90 14.30 -16.49 -23.59
CA ALA C 90 12.88 -16.26 -23.75
C ALA C 90 12.15 -17.21 -24.68
N ALA C 91 12.87 -18.03 -25.45
CA ALA C 91 12.22 -18.85 -26.47
C ALA C 91 12.55 -20.32 -26.39
N LYS C 92 12.73 -20.82 -25.18
CA LYS C 92 12.91 -22.26 -24.98
C LYS C 92 11.59 -22.94 -25.28
N PRO C 93 11.61 -24.09 -25.99
CA PRO C 93 10.34 -24.64 -26.48
C PRO C 93 9.29 -24.86 -25.37
N GLU C 94 9.76 -25.37 -24.23
CA GLU C 94 8.90 -25.68 -23.11
C GLU C 94 8.35 -24.44 -22.42
N GLN C 95 9.16 -23.38 -22.39
CA GLN C 95 8.76 -22.10 -21.84
C GLN C 95 7.64 -21.49 -22.65
N ILE C 96 7.75 -21.54 -23.97
CA ILE C 96 6.71 -21.03 -24.87
C ILE C 96 5.44 -21.90 -24.73
N GLN C 97 5.61 -23.21 -24.74
CA GLN C 97 4.42 -24.09 -24.59
C GLN C 97 3.69 -23.87 -23.27
N LYS C 98 4.43 -23.70 -22.19
CA LYS C 98 3.83 -23.42 -20.89
C LYS C 98 3.04 -22.12 -20.90
N TRP C 99 3.59 -21.08 -21.52
CA TRP C 99 2.86 -19.81 -21.65
C TRP C 99 1.59 -19.95 -22.50
N ILE C 100 1.69 -20.65 -23.61
CA ILE C 100 0.52 -20.90 -24.46
C ILE C 100 -0.61 -21.57 -23.64
N ARG C 101 -0.24 -22.56 -22.83
CA ARG C 101 -1.22 -23.26 -21.99
C ARG C 101 -1.80 -22.35 -20.88
N THR C 102 -0.95 -21.68 -20.11
CA THR C 102 -1.42 -20.88 -18.99
C THR C 102 -2.19 -19.64 -19.42
N ARG C 103 -1.85 -19.04 -20.56
CA ARG C 103 -2.55 -17.85 -21.06
CA ARG C 103 -2.55 -17.85 -21.06
C ARG C 103 -3.68 -18.24 -22.02
N LYS C 104 -3.89 -19.54 -22.25
CA LYS C 104 -4.99 -20.03 -23.09
C LYS C 104 -4.94 -19.47 -24.51
N LEU C 105 -3.77 -19.50 -25.12
CA LEU C 105 -3.58 -19.03 -26.49
C LEU C 105 -3.73 -20.21 -27.42
N LYS C 106 -4.06 -19.94 -28.67
CA LYS C 106 -3.99 -20.96 -29.73
C LYS C 106 -2.57 -21.26 -30.13
N TYR C 107 -1.73 -20.23 -30.16
CA TYR C 107 -0.32 -20.37 -30.45
C TYR C 107 0.36 -19.06 -29.95
N LEU C 108 1.69 -19.02 -30.02
CA LEU C 108 2.45 -17.80 -29.73
C LEU C 108 3.49 -17.59 -30.80
N GLY C 109 3.47 -16.42 -31.45
CA GLY C 109 4.35 -16.16 -32.56
C GLY C 109 5.77 -15.72 -32.20
N VAL C 110 6.38 -16.40 -31.24
CA VAL C 110 7.79 -16.24 -30.94
C VAL C 110 8.45 -17.48 -31.49
N PRO C 111 9.47 -17.33 -32.37
CA PRO C 111 10.09 -18.54 -32.89
C PRO C 111 10.81 -19.35 -31.79
N LYS C 112 10.79 -20.66 -31.97
CA LYS C 112 11.45 -21.56 -31.10
C LYS C 112 12.94 -21.66 -31.35
N TYR C 113 13.71 -21.63 -30.26
CA TYR C 113 15.15 -21.84 -30.25
C TYR C 113 15.44 -23.33 -30.07
N TRP C 114 16.20 -23.91 -30.99
CA TRP C 114 16.49 -25.36 -30.94
C TRP C 114 17.93 -25.70 -30.57
N GLY C 115 18.85 -24.76 -30.63
CA GLY C 115 20.23 -25.00 -30.24
C GLY C 115 21.19 -24.04 -30.86
N SER C 116 22.42 -24.08 -30.40
CA SER C 116 23.46 -23.27 -30.93
C SER C 116 24.82 -23.86 -30.68
N GLY C 117 25.82 -23.28 -31.32
CA GLY C 117 27.20 -23.61 -31.03
C GLY C 117 28.22 -22.75 -31.72
N LEU C 118 29.46 -23.24 -31.73
CA LEU C 118 30.59 -22.58 -32.37
C LEU C 118 31.18 -23.53 -33.40
N HIS C 119 31.61 -23.00 -34.52
CA HIS C 119 32.03 -23.78 -35.68
C HIS C 119 33.21 -23.06 -36.33
N ASP C 120 34.29 -23.78 -36.55
CA ASP C 120 35.49 -23.22 -37.17
C ASP C 120 35.57 -23.66 -38.63
N LYS C 121 35.89 -22.72 -39.51
CA LYS C 121 36.05 -22.99 -40.94
C LYS C 121 37.04 -22.01 -41.56
N ASN C 122 37.98 -22.54 -42.36
CA ASN C 122 38.99 -21.73 -43.04
C ASN C 122 39.76 -20.81 -42.06
N GLY C 123 40.13 -21.35 -40.90
CA GLY C 123 40.82 -20.60 -39.86
C GLY C 123 40.05 -19.49 -39.13
N LYS C 124 38.74 -19.40 -39.33
CA LYS C 124 37.89 -18.37 -38.73
C LYS C 124 36.84 -19.03 -37.82
N SER C 125 36.40 -18.32 -36.77
CA SER C 125 35.38 -18.80 -35.86
C SER C 125 33.99 -18.25 -36.18
N TYR C 126 33.02 -19.15 -36.25
CA TYR C 126 31.62 -18.82 -36.52
C TYR C 126 30.74 -19.27 -35.35
N ARG C 127 29.62 -18.59 -35.20
CA ARG C 127 28.56 -18.96 -34.27
C ARG C 127 27.38 -19.40 -35.09
N PHE C 128 26.72 -20.47 -34.67
CA PHE C 128 25.49 -20.90 -35.33
C PHE C 128 24.32 -21.12 -34.40
N MET C 129 23.13 -21.03 -34.94
CA MET C 129 21.88 -21.11 -34.20
C MET C 129 20.84 -21.82 -35.02
N ILE C 130 20.14 -22.79 -34.43
CA ILE C 130 19.06 -23.50 -35.09
C ILE C 130 17.73 -22.93 -34.63
N MET C 131 16.89 -22.55 -35.58
CA MET C 131 15.57 -22.00 -35.28
C MET C 131 14.50 -22.61 -36.16
N ASP C 132 13.25 -22.35 -35.82
CA ASP C 132 12.10 -22.64 -36.69
C ASP C 132 12.33 -22.07 -38.12
N ARG C 133 11.94 -22.84 -39.13
CA ARG C 133 11.83 -22.38 -40.52
C ARG C 133 10.42 -21.85 -40.71
N PHE C 134 10.29 -20.73 -41.41
CA PHE C 134 8.96 -20.12 -41.68
C PHE C 134 8.63 -20.03 -43.17
N GLY C 135 7.40 -19.66 -43.47
CA GLY C 135 7.01 -19.35 -44.84
C GLY C 135 7.29 -17.90 -45.20
N SER C 136 6.35 -17.29 -45.89
CA SER C 136 6.56 -15.96 -46.46
C SER C 136 6.52 -14.90 -45.39
N ASP C 137 7.21 -13.80 -45.65
CA ASP C 137 7.07 -12.59 -44.84
C ASP C 137 5.82 -11.86 -45.26
N LEU C 138 5.27 -11.04 -44.35
CA LEU C 138 4.05 -10.30 -44.65
C LEU C 138 4.23 -9.18 -45.65
N GLN C 139 5.45 -8.65 -45.79
CA GLN C 139 5.71 -7.53 -46.71
C GLN C 139 5.49 -7.98 -48.15
N LYS C 140 5.96 -9.17 -48.50
CA LYS C 140 5.71 -9.75 -49.86
C LYS C 140 4.20 -9.85 -50.12
N ILE C 141 3.46 -10.39 -49.16
CA ILE C 141 2.02 -10.58 -49.30
C ILE C 141 1.27 -9.25 -49.41
N TYR C 142 1.67 -8.30 -48.55
CA TYR C 142 1.18 -6.91 -48.62
C TYR C 142 1.37 -6.28 -50.00
N GLU C 143 2.58 -6.35 -50.52
CA GLU C 143 2.90 -5.79 -51.85
C GLU C 143 2.12 -6.48 -52.97
N ALA C 144 1.95 -7.80 -52.87
CA ALA C 144 1.11 -8.56 -53.81
C ALA C 144 -0.37 -8.22 -53.72
N ASN C 145 -0.81 -7.66 -52.59
CA ASN C 145 -2.19 -7.21 -52.43
C ASN C 145 -2.32 -5.70 -52.66
N ALA C 146 -1.45 -5.13 -53.48
CA ALA C 146 -1.43 -3.69 -53.80
C ALA C 146 -1.30 -2.80 -52.56
N LYS C 147 -0.48 -3.26 -51.61
CA LYS C 147 -0.20 -2.53 -50.38
C LYS C 147 -1.42 -2.15 -49.57
N ARG C 148 -2.29 -3.14 -49.38
CA ARG C 148 -3.41 -3.04 -48.44
C ARG C 148 -3.58 -4.39 -47.77
N PHE C 149 -4.01 -4.35 -46.51
CA PHE C 149 -4.64 -5.46 -45.85
C PHE C 149 -5.98 -4.96 -45.41
N SER C 150 -6.94 -5.86 -45.34
CA SER C 150 -8.28 -5.55 -44.88
C SER C 150 -8.30 -5.26 -43.41
N ARG C 151 -9.36 -4.61 -42.95
CA ARG C 151 -9.57 -4.35 -41.54
C ARG C 151 -9.57 -5.65 -40.72
N LYS C 152 -10.28 -6.67 -41.21
CA LYS C 152 -10.26 -8.00 -40.60
C LYS C 152 -8.82 -8.51 -40.40
N THR C 153 -8.05 -8.51 -41.48
CA THR C 153 -6.68 -8.98 -41.46
C THR C 153 -5.80 -8.19 -40.47
N VAL C 154 -5.91 -6.87 -40.52
CA VAL C 154 -5.10 -6.01 -39.68
C VAL C 154 -5.41 -6.28 -38.22
N LEU C 155 -6.69 -6.41 -37.88
CA LEU C 155 -7.08 -6.67 -36.50
C LEU C 155 -6.59 -8.03 -36.01
N GLN C 156 -6.72 -9.04 -36.86
CA GLN C 156 -6.28 -10.41 -36.51
C GLN C 156 -4.75 -10.49 -36.37
N LEU C 157 -4.01 -9.86 -37.29
CA LEU C 157 -2.56 -9.75 -37.16
C LEU C 157 -2.17 -9.07 -35.85
N SER C 158 -2.81 -7.95 -35.55
CA SER C 158 -2.46 -7.11 -34.42
C SER C 158 -2.78 -7.72 -33.08
N LEU C 159 -3.88 -8.48 -32.99
CA LEU C 159 -4.18 -9.25 -31.78
C LEU C 159 -3.04 -10.23 -31.44
N ARG C 160 -2.54 -10.91 -32.45
CA ARG C 160 -1.47 -11.89 -32.25
C ARG C 160 -0.13 -11.20 -31.96
N ILE C 161 0.10 -10.04 -32.57
CA ILE C 161 1.31 -9.26 -32.28
C ILE C 161 1.24 -8.75 -30.84
N LEU C 162 0.07 -8.34 -30.36
CA LEU C 162 -0.07 -7.97 -28.95
C LEU C 162 0.27 -9.16 -28.00
N ASP C 163 -0.12 -10.38 -28.39
CA ASP C 163 0.29 -11.56 -27.60
C ASP C 163 1.81 -11.71 -27.56
N ILE C 164 2.45 -11.53 -28.71
CA ILE C 164 3.91 -11.63 -28.83
C ILE C 164 4.61 -10.55 -28.00
N LEU C 165 4.13 -9.32 -28.11
CA LEU C 165 4.74 -8.21 -27.39
C LEU C 165 4.58 -8.38 -25.91
N GLU C 166 3.39 -8.79 -25.45
CA GLU C 166 3.20 -9.06 -24.03
C GLU C 166 4.21 -10.10 -23.54
N TYR C 167 4.34 -11.15 -24.33
CA TYR C 167 5.23 -12.26 -23.94
C TYR C 167 6.72 -11.79 -23.86
N ILE C 168 7.25 -11.16 -24.92
CA ILE C 168 8.68 -10.70 -24.90
C ILE C 168 8.85 -9.58 -23.77
N HIS C 169 7.89 -8.64 -23.65
CA HIS C 169 8.00 -7.58 -22.58
C HIS C 169 8.05 -8.24 -21.16
N GLU C 170 7.21 -9.25 -20.94
CA GLU C 170 7.23 -9.95 -19.65
C GLU C 170 8.52 -10.75 -19.44
N HIS C 171 9.30 -10.98 -20.51
CA HIS C 171 10.59 -11.62 -20.43
C HIS C 171 11.75 -10.66 -20.64
N GLU C 172 11.50 -9.39 -20.31
CA GLU C 172 12.51 -8.33 -20.19
C GLU C 172 12.99 -7.69 -21.48
N TYR C 173 12.36 -8.01 -22.61
CA TYR C 173 12.80 -7.51 -23.89
C TYR C 173 11.74 -6.66 -24.62
N VAL C 174 12.23 -5.67 -25.38
CA VAL C 174 11.42 -5.00 -26.40
C VAL C 174 12.07 -5.29 -27.74
N HIS C 175 11.24 -5.25 -28.78
CA HIS C 175 11.72 -5.53 -30.12
C HIS C 175 12.26 -4.31 -30.86
N GLY C 176 11.48 -3.23 -30.84
CA GLY C 176 11.91 -1.94 -31.41
C GLY C 176 11.81 -1.81 -32.92
N ASP C 177 11.38 -2.85 -33.63
CA ASP C 177 11.44 -2.85 -35.09
C ASP C 177 10.36 -3.74 -35.71
N ILE C 178 9.16 -3.64 -35.15
CA ILE C 178 8.02 -4.35 -35.67
C ILE C 178 7.67 -3.74 -37.05
N LYS C 179 7.56 -4.61 -38.05
CA LYS C 179 7.15 -4.23 -39.40
C LYS C 179 6.87 -5.53 -40.20
N ALA C 180 6.20 -5.37 -41.33
CA ALA C 180 5.76 -6.53 -42.12
C ALA C 180 6.89 -7.43 -42.59
N SER C 181 8.06 -6.87 -42.89
CA SER C 181 9.20 -7.66 -43.30
C SER C 181 9.80 -8.52 -42.16
N ASN C 182 9.42 -8.20 -40.90
CA ASN C 182 9.84 -8.98 -39.73
C ASN C 182 8.70 -9.84 -39.19
N LEU C 183 7.66 -10.03 -39.98
CA LEU C 183 6.53 -10.88 -39.61
C LEU C 183 6.41 -11.98 -40.65
N LEU C 184 6.56 -13.22 -40.18
CA LEU C 184 6.64 -14.42 -41.05
C LEU C 184 5.52 -15.37 -40.68
N LEU C 185 4.95 -16.04 -41.68
CA LEU C 185 3.89 -16.98 -41.44
C LEU C 185 4.47 -18.34 -41.10
N ASN C 186 3.76 -19.09 -40.27
CA ASN C 186 4.07 -20.50 -40.00
C ASN C 186 4.12 -21.22 -41.39
N TYR C 187 5.20 -21.95 -41.62
CA TYR C 187 5.44 -22.65 -42.88
C TYR C 187 4.26 -23.58 -43.27
N LYS C 188 3.63 -24.19 -42.26
CA LYS C 188 2.54 -25.13 -42.45
C LYS C 188 1.17 -24.59 -42.06
N ASN C 189 1.06 -23.30 -41.69
CA ASN C 189 -0.22 -22.73 -41.25
C ASN C 189 -0.24 -21.21 -41.49
N PRO C 190 -0.88 -20.79 -42.60
CA PRO C 190 -0.88 -19.37 -42.96
C PRO C 190 -1.75 -18.45 -42.09
N ASP C 191 -2.38 -18.97 -41.05
CA ASP C 191 -3.09 -18.14 -40.07
C ASP C 191 -2.25 -17.84 -38.82
N GLN C 192 -0.99 -18.28 -38.80
CA GLN C 192 -0.13 -18.08 -37.65
C GLN C 192 1.02 -17.18 -38.06
N VAL C 193 1.09 -15.99 -37.46
CA VAL C 193 2.15 -15.04 -37.76
C VAL C 193 3.14 -14.98 -36.57
N TYR C 194 4.42 -14.90 -36.92
CA TYR C 194 5.53 -14.86 -35.99
C TYR C 194 6.34 -13.56 -36.18
N LEU C 195 6.85 -13.01 -35.08
CA LEU C 195 7.74 -11.86 -35.13
C LEU C 195 9.16 -12.35 -35.04
N VAL C 196 9.99 -11.98 -36.01
CA VAL C 196 11.38 -12.37 -36.08
C VAL C 196 12.34 -11.19 -35.98
N ASP C 197 13.62 -11.50 -35.96
CA ASP C 197 14.75 -10.56 -35.94
C ASP C 197 14.89 -9.89 -34.58
N TYR C 198 15.72 -10.52 -33.73
CA TYR C 198 16.00 -10.00 -32.42
C TYR C 198 17.42 -9.53 -32.30
N GLY C 199 18.12 -9.35 -33.42
CA GLY C 199 19.55 -8.95 -33.40
C GLY C 199 19.81 -7.57 -32.81
N LEU C 200 18.82 -6.69 -32.90
CA LEU C 200 18.85 -5.39 -32.26
C LEU C 200 17.72 -5.24 -31.21
N ALA C 201 17.27 -6.35 -30.65
CA ALA C 201 16.29 -6.31 -29.56
C ALA C 201 16.98 -5.71 -28.34
N TYR C 202 16.21 -5.24 -27.39
CA TYR C 202 16.76 -4.53 -26.26
C TYR C 202 16.19 -5.07 -24.98
N ARG C 203 17.09 -5.37 -24.05
CA ARG C 203 16.71 -5.86 -22.75
C ARG C 203 16.46 -4.65 -21.86
N TYR C 204 15.20 -4.21 -21.85
CA TYR C 204 14.81 -2.95 -21.20
C TYR C 204 14.66 -3.10 -19.68
N CYS C 205 14.54 -4.31 -19.18
CA CYS C 205 14.26 -4.53 -17.77
C CYS C 205 15.08 -5.71 -17.18
N PRO C 206 16.41 -5.69 -17.33
CA PRO C 206 17.22 -6.82 -16.82
C PRO C 206 17.04 -7.00 -15.33
N GLU C 207 16.66 -8.22 -14.92
CA GLU C 207 16.37 -8.59 -13.53
C GLU C 207 15.31 -7.70 -12.88
N GLY C 208 14.34 -7.25 -13.68
CA GLY C 208 13.28 -6.42 -13.16
C GLY C 208 13.60 -4.97 -12.90
N VAL C 209 14.77 -4.50 -13.31
CA VAL C 209 15.15 -3.12 -13.15
C VAL C 209 15.02 -2.38 -14.49
N HIS C 210 14.06 -1.47 -14.57
CA HIS C 210 13.75 -0.79 -15.84
C HIS C 210 14.83 0.24 -16.14
N LYS C 211 15.26 0.26 -17.39
CA LYS C 211 16.18 1.27 -17.88
C LYS C 211 15.57 2.68 -17.67
N ALA C 212 16.43 3.60 -17.31
CA ALA C 212 16.08 5.00 -17.13
C ALA C 212 15.79 5.68 -18.47
N TYR C 213 14.92 6.68 -18.41
CA TYR C 213 14.65 7.51 -19.63
C TYR C 213 15.90 8.22 -20.05
N ALA C 214 16.59 7.71 -21.06
CA ALA C 214 17.99 8.06 -21.35
C ALA C 214 18.48 7.26 -22.55
N ALA C 215 19.37 7.84 -23.33
CA ALA C 215 20.19 7.05 -24.25
C ALA C 215 20.92 5.90 -23.55
N ASP C 216 21.11 4.79 -24.24
CA ASP C 216 21.99 3.74 -23.78
C ASP C 216 23.19 3.69 -24.75
N PRO C 217 24.42 4.02 -24.25
CA PRO C 217 25.58 4.01 -25.15
C PRO C 217 25.85 2.65 -25.84
N LYS C 218 25.45 1.55 -25.21
CA LYS C 218 25.57 0.22 -25.81
C LYS C 218 24.68 0.01 -27.06
N ARG C 219 23.60 0.81 -27.19
CA ARG C 219 22.67 0.69 -28.33
C ARG C 219 22.91 1.75 -29.40
N CYS C 220 23.10 1.33 -30.65
CA CYS C 220 23.13 2.30 -31.78
C CYS C 220 21.80 2.49 -32.53
N HIS C 221 20.95 1.47 -32.52
CA HIS C 221 19.84 1.39 -33.45
C HIS C 221 18.64 2.25 -33.05
N ASP C 222 18.07 2.90 -34.04
CA ASP C 222 16.97 3.83 -33.90
C ASP C 222 15.66 3.26 -34.45
N GLY C 223 15.69 2.01 -34.93
CA GLY C 223 14.54 1.38 -35.56
C GLY C 223 14.43 1.66 -37.08
N THR C 224 13.26 1.45 -37.65
CA THR C 224 12.98 1.76 -39.04
C THR C 224 12.23 3.09 -39.02
N ILE C 225 12.81 4.09 -39.68
CA ILE C 225 12.40 5.48 -39.46
C ILE C 225 10.91 5.75 -39.63
N GLU C 226 10.25 5.17 -40.62
CA GLU C 226 8.83 5.46 -40.82
C GLU C 226 7.93 4.88 -39.70
N PHE C 227 8.37 3.82 -39.03
CA PHE C 227 7.59 3.15 -37.99
C PHE C 227 8.08 3.38 -36.56
N THR C 228 9.28 3.92 -36.37
CA THR C 228 9.89 3.96 -35.04
C THR C 228 9.14 4.87 -34.08
N SER C 229 9.37 4.65 -32.79
CA SER C 229 8.74 5.44 -31.75
C SER C 229 9.30 6.85 -31.59
N ILE C 230 8.46 7.73 -31.04
CA ILE C 230 8.90 9.07 -30.63
C ILE C 230 10.08 8.96 -29.62
N ASP C 231 10.01 8.01 -28.69
CA ASP C 231 11.14 7.77 -27.78
C ASP C 231 12.45 7.52 -28.55
N ALA C 232 12.40 6.65 -29.54
CA ALA C 232 13.58 6.36 -30.36
C ALA C 232 14.05 7.61 -31.12
N HIS C 233 13.11 8.38 -31.67
CA HIS C 233 13.47 9.65 -32.31
C HIS C 233 14.13 10.62 -31.33
N ASN C 234 13.74 10.59 -30.05
CA ASN C 234 14.32 11.43 -29.01
C ASN C 234 15.67 10.91 -28.48
N GLY C 235 16.16 9.81 -29.03
CA GLY C 235 17.43 9.22 -28.65
C GLY C 235 17.40 8.47 -27.35
N VAL C 236 16.24 8.03 -26.87
CA VAL C 236 16.24 7.27 -25.64
C VAL C 236 16.08 5.80 -26.03
N ALA C 237 16.47 4.97 -25.07
CA ALA C 237 16.39 3.53 -25.28
C ALA C 237 14.90 3.15 -25.46
N PRO C 238 14.64 2.15 -26.29
CA PRO C 238 13.24 1.72 -26.48
C PRO C 238 12.63 1.09 -25.23
N SER C 239 11.34 1.32 -24.99
CA SER C 239 10.63 0.61 -23.94
C SER C 239 9.28 0.07 -24.48
N ARG C 240 8.44 -0.36 -23.56
CA ARG C 240 7.24 -1.09 -23.97
C ARG C 240 6.27 -0.20 -24.76
N ARG C 241 6.09 1.03 -24.31
CA ARG C 241 5.13 1.92 -25.01
C ARG C 241 5.60 2.12 -26.48
N GLY C 242 6.92 2.18 -26.71
CA GLY C 242 7.45 2.33 -28.03
C GLY C 242 7.05 1.20 -28.97
N ASP C 243 7.12 -0.04 -28.48
CA ASP C 243 6.72 -1.17 -29.29
C ASP C 243 5.24 -1.05 -29.72
N LEU C 244 4.39 -0.62 -28.80
CA LEU C 244 2.97 -0.49 -29.06
C LEU C 244 2.69 0.66 -30.05
N GLU C 245 3.49 1.73 -29.94
CA GLU C 245 3.39 2.83 -30.87
C GLU C 245 3.75 2.40 -32.30
N ILE C 246 4.84 1.64 -32.40
CA ILE C 246 5.31 1.09 -33.67
C ILE C 246 4.18 0.26 -34.32
N LEU C 247 3.57 -0.61 -33.54
CA LEU C 247 2.47 -1.42 -34.07
C LEU C 247 1.33 -0.51 -34.58
N GLY C 248 1.05 0.55 -33.85
CA GLY C 248 0.07 1.57 -34.27
C GLY C 248 0.32 2.10 -35.69
N TYR C 249 1.56 2.49 -35.94
CA TYR C 249 1.94 2.99 -37.26
C TYR C 249 1.86 1.91 -38.33
N CYS C 250 2.26 0.68 -37.97
CA CYS C 250 2.08 -0.45 -38.87
C CYS C 250 0.61 -0.65 -39.25
N MET C 251 -0.30 -0.57 -38.28
CA MET C 251 -1.72 -0.83 -38.53
C MET C 251 -2.25 0.20 -39.57
N ILE C 252 -1.85 1.45 -39.42
CA ILE C 252 -2.26 2.50 -40.36
C ILE C 252 -1.68 2.27 -41.76
N GLN C 253 -0.38 1.99 -41.80
CA GLN C 253 0.29 1.65 -43.05
C GLN C 253 -0.42 0.50 -43.77
N TRP C 254 -0.78 -0.54 -43.01
CA TRP C 254 -1.38 -1.73 -43.59
C TRP C 254 -2.79 -1.44 -44.12
N LEU C 255 -3.57 -0.69 -43.35
CA LEU C 255 -4.94 -0.33 -43.70
C LEU C 255 -5.02 0.59 -44.91
N THR C 256 -4.07 1.51 -45.04
CA THR C 256 -4.20 2.63 -45.98
C THR C 256 -3.18 2.68 -47.11
N GLY C 257 -2.12 1.87 -47.03
CA GLY C 257 -1.00 1.96 -47.94
C GLY C 257 0.02 3.08 -47.70
N HIS C 258 -0.19 3.92 -46.70
CA HIS C 258 0.61 5.14 -46.52
C HIS C 258 0.76 5.54 -45.05
N LEU C 259 1.75 6.39 -44.81
CA LEU C 259 1.84 7.18 -43.59
C LEU C 259 2.11 8.63 -43.95
N PRO C 260 1.67 9.56 -43.12
CA PRO C 260 1.77 11.00 -43.52
C PRO C 260 3.17 11.53 -43.79
N TRP C 261 4.17 10.96 -43.10
CA TRP C 261 5.55 11.44 -43.15
C TRP C 261 6.40 10.70 -44.16
N GLU C 262 5.78 9.81 -44.96
CA GLU C 262 6.53 8.94 -45.87
C GLU C 262 7.23 9.66 -47.04
N ASP C 263 6.83 10.89 -47.31
CA ASP C 263 7.44 11.73 -48.33
C ASP C 263 8.76 12.38 -47.94
N ASN C 264 9.14 12.34 -46.65
CA ASN C 264 10.42 12.94 -46.29
C ASN C 264 11.10 12.15 -45.20
N LEU C 265 11.31 10.88 -45.50
CA LEU C 265 11.98 9.96 -44.55
C LEU C 265 13.47 10.24 -44.42
N LYS C 266 14.04 11.01 -45.34
CA LYS C 266 15.43 11.46 -45.21
C LYS C 266 15.62 12.61 -44.23
N ASP C 267 14.53 13.16 -43.68
CA ASP C 267 14.60 14.24 -42.70
C ASP C 267 13.99 13.75 -41.38
N PRO C 268 14.83 13.16 -40.50
CA PRO C 268 14.30 12.57 -39.29
C PRO C 268 13.63 13.58 -38.37
N LYS C 269 14.08 14.84 -38.35
CA LYS C 269 13.41 15.84 -37.51
C LYS C 269 11.97 16.08 -37.98
N TYR C 270 11.76 16.07 -39.29
CA TYR C 270 10.40 16.17 -39.85
C TYR C 270 9.53 14.98 -39.45
N VAL C 271 10.08 13.78 -39.54
CA VAL C 271 9.34 12.56 -39.19
C VAL C 271 8.94 12.63 -37.71
N ARG C 272 9.90 12.98 -36.84
CA ARG C 272 9.62 13.10 -35.41
C ARG C 272 8.54 14.16 -35.16
N ASP C 273 8.70 15.32 -35.75
CA ASP C 273 7.76 16.44 -35.57
C ASP C 273 6.34 16.04 -35.97
N SER C 274 6.24 15.35 -37.10
CA SER C 274 4.92 14.87 -37.56
C SER C 274 4.30 13.88 -36.56
N LYS C 275 5.08 12.90 -36.11
CA LYS C 275 4.58 11.97 -35.13
C LYS C 275 4.13 12.62 -33.84
N ILE C 276 4.90 13.60 -33.36
CA ILE C 276 4.55 14.31 -32.13
C ILE C 276 3.22 15.04 -32.33
N ARG C 277 3.11 15.73 -33.46
CA ARG C 277 1.90 16.50 -33.77
C ARG C 277 0.67 15.60 -33.85
N TYR C 278 0.84 14.45 -34.50
CA TYR C 278 -0.24 13.48 -34.65
C TYR C 278 -0.54 12.68 -33.40
N ARG C 279 0.38 12.59 -32.45
CA ARG C 279 0.08 12.08 -31.12
C ARG C 279 -0.72 13.07 -30.31
N GLU C 280 -0.36 14.34 -30.38
CA GLU C 280 -1.08 15.39 -29.67
C GLU C 280 -2.53 15.50 -30.19
N ASN C 281 -2.72 15.25 -31.49
CA ASN C 281 -4.05 15.35 -32.14
C ASN C 281 -4.34 14.12 -32.99
N ILE C 282 -4.79 13.07 -32.33
CA ILE C 282 -5.04 11.78 -32.97
C ILE C 282 -6.21 11.87 -33.98
N ALA C 283 -7.21 12.67 -33.67
CA ALA C 283 -8.32 12.91 -34.62
C ALA C 283 -7.79 13.44 -35.95
N SER C 284 -6.79 14.34 -35.91
CA SER C 284 -6.17 14.83 -37.14
C SER C 284 -5.39 13.75 -37.88
N LEU C 285 -4.79 12.82 -37.14
CA LEU C 285 -4.18 11.68 -37.79
C LEU C 285 -5.20 10.82 -38.54
N MET C 286 -6.30 10.54 -37.89
CA MET C 286 -7.34 9.72 -38.51
C MET C 286 -7.91 10.44 -39.78
N ASP C 287 -8.12 11.75 -39.69
CA ASP C 287 -8.61 12.54 -40.86
C ASP C 287 -7.61 12.52 -42.00
N LYS C 288 -6.32 12.61 -41.67
CA LYS C 288 -5.29 12.59 -42.67
C LYS C 288 -5.17 11.25 -43.38
N CYS C 289 -5.22 10.16 -42.61
CA CYS C 289 -4.93 8.84 -43.16
C CYS C 289 -6.13 8.15 -43.79
N PHE C 290 -7.33 8.47 -43.32
CA PHE C 290 -8.52 7.78 -43.76
C PHE C 290 -9.51 8.73 -44.46
N PRO C 291 -10.17 8.24 -45.52
CA PRO C 291 -11.25 9.03 -46.12
C PRO C 291 -12.38 9.19 -45.11
N ALA C 292 -13.14 10.27 -45.26
CA ALA C 292 -14.32 10.50 -44.46
C ALA C 292 -15.19 9.25 -44.32
N ALA C 293 -15.51 8.96 -43.07
CA ALA C 293 -16.33 7.81 -42.68
C ALA C 293 -15.66 6.45 -42.72
N ASN C 294 -14.40 6.45 -43.16
CA ASN C 294 -13.59 5.23 -43.14
C ASN C 294 -12.61 5.09 -41.91
N ALA C 295 -12.53 6.00 -40.93
CA ALA C 295 -11.48 5.85 -39.86
C ALA C 295 -11.96 4.77 -38.87
N PRO C 296 -11.25 3.63 -38.72
CA PRO C 296 -11.72 2.64 -37.75
C PRO C 296 -11.51 3.23 -36.35
N GLY C 297 -12.59 3.27 -35.58
CA GLY C 297 -12.58 3.80 -34.25
C GLY C 297 -11.58 3.12 -33.29
N GLU C 298 -11.41 1.82 -33.47
CA GLU C 298 -10.49 1.05 -32.64
C GLU C 298 -9.01 1.49 -32.80
N ILE C 299 -8.65 1.98 -33.98
CA ILE C 299 -7.29 2.43 -34.22
C ILE C 299 -7.03 3.71 -33.40
N ALA C 300 -7.98 4.65 -33.45
CA ALA C 300 -7.86 5.85 -32.67
C ALA C 300 -7.83 5.54 -31.16
N LYS C 301 -8.71 4.65 -30.70
CA LYS C 301 -8.76 4.31 -29.29
C LYS C 301 -7.44 3.62 -28.81
N TYR C 302 -6.91 2.78 -29.67
CA TYR C 302 -5.62 2.10 -29.45
C TYR C 302 -4.53 3.18 -29.26
N MET C 303 -4.45 4.14 -30.19
CA MET C 303 -3.45 5.20 -30.12
CA MET C 303 -3.44 5.19 -30.11
C MET C 303 -3.63 6.09 -28.90
N GLU C 304 -4.87 6.39 -28.52
CA GLU C 304 -5.11 7.18 -27.32
C GLU C 304 -4.63 6.44 -26.06
N THR C 305 -4.84 5.13 -26.04
CA THR C 305 -4.44 4.34 -24.89
C THR C 305 -2.90 4.29 -24.77
N VAL C 306 -2.22 4.09 -25.90
CA VAL C 306 -0.75 4.10 -25.93
C VAL C 306 -0.20 5.46 -25.54
N LYS C 307 -0.84 6.54 -25.98
CA LYS C 307 -0.46 7.90 -25.60
C LYS C 307 -0.42 8.12 -24.10
N LEU C 308 -1.33 7.47 -23.39
N LEU C 308 -1.33 7.47 -23.38
CA LEU C 308 -1.42 7.61 -21.94
CA LEU C 308 -1.42 7.61 -21.94
C LEU C 308 -0.31 6.84 -21.18
C LEU C 308 -0.32 6.82 -21.17
N LEU C 309 0.44 5.98 -21.85
CA LEU C 309 1.53 5.23 -21.17
C LEU C 309 2.74 6.10 -20.86
N ASP C 310 3.21 6.00 -19.64
CA ASP C 310 4.53 6.55 -19.29
C ASP C 310 5.65 5.61 -19.77
N TYR C 311 6.86 6.15 -19.84
CA TYR C 311 8.01 5.44 -20.35
C TYR C 311 8.26 4.09 -19.69
N THR C 312 8.11 4.01 -18.37
CA THR C 312 8.36 2.76 -17.62
C THR C 312 7.11 1.97 -17.34
N GLU C 313 5.95 2.44 -17.83
CA GLU C 313 4.67 1.86 -17.43
C GLU C 313 4.40 0.53 -18.10
N LYS C 314 3.88 -0.41 -17.34
CA LYS C 314 3.42 -1.68 -17.89
C LYS C 314 2.08 -1.49 -18.62
N PRO C 315 2.03 -1.83 -19.90
CA PRO C 315 0.76 -1.72 -20.63
C PRO C 315 -0.29 -2.68 -20.12
N LEU C 316 -1.55 -2.30 -20.24
CA LEU C 316 -2.66 -3.23 -19.98
C LEU C 316 -3.02 -3.89 -21.29
N TYR C 317 -2.35 -5.00 -21.58
CA TYR C 317 -2.41 -5.61 -22.90
C TYR C 317 -3.81 -6.15 -23.20
N GLU C 318 -4.51 -6.64 -22.17
CA GLU C 318 -5.87 -7.20 -22.40
C GLU C 318 -6.83 -6.08 -22.82
N ASN C 319 -6.69 -4.90 -22.22
CA ASN C 319 -7.47 -3.71 -22.58
C ASN C 319 -7.21 -3.32 -24.06
N LEU C 320 -5.96 -3.37 -24.50
CA LEU C 320 -5.64 -3.10 -25.90
C LEU C 320 -6.25 -4.15 -26.82
N ARG C 321 -6.19 -5.41 -26.41
CA ARG C 321 -6.79 -6.45 -27.26
C ARG C 321 -8.35 -6.24 -27.30
N ASP C 322 -8.95 -5.90 -26.16
CA ASP C 322 -10.39 -5.65 -26.12
C ASP C 322 -10.79 -4.48 -27.06
N ILE C 323 -9.96 -3.45 -27.10
CA ILE C 323 -10.16 -2.35 -28.06
C ILE C 323 -10.21 -2.88 -29.49
N LEU C 324 -9.27 -3.75 -29.87
CA LEU C 324 -9.25 -4.27 -31.20
C LEU C 324 -10.41 -5.25 -31.46
N LEU C 325 -10.79 -6.01 -30.43
CA LEU C 325 -11.95 -6.91 -30.52
C LEU C 325 -13.27 -6.13 -30.80
N GLN C 326 -13.42 -4.91 -30.25
CA GLN C 326 -14.55 -4.04 -30.59
C GLN C 326 -14.59 -3.72 -32.11
N GLY C 327 -13.42 -3.59 -32.71
CA GLY C 327 -13.31 -3.51 -34.15
C GLY C 327 -13.83 -4.69 -34.95
N LEU C 328 -13.50 -5.87 -34.48
CA LEU C 328 -13.99 -7.09 -35.12
C LEU C 328 -15.54 -7.18 -35.01
N LYS C 329 -16.05 -6.87 -33.82
CA LYS C 329 -17.51 -6.80 -33.57
C LYS C 329 -18.18 -5.82 -34.53
N ALA C 330 -17.57 -4.63 -34.68
CA ALA C 330 -18.12 -3.59 -35.55
C ALA C 330 -18.20 -4.01 -37.02
N ILE C 331 -17.29 -4.86 -37.50
CA ILE C 331 -17.39 -5.38 -38.87
C ILE C 331 -18.15 -6.71 -38.99
N GLY C 332 -18.84 -7.12 -37.92
CA GLY C 332 -19.65 -8.33 -37.94
C GLY C 332 -18.84 -9.60 -37.87
N SER C 333 -17.68 -9.56 -37.22
CA SER C 333 -16.82 -10.75 -37.14
C SER C 333 -16.50 -11.02 -35.69
N LYS C 334 -15.52 -11.90 -35.49
CA LYS C 334 -15.05 -12.23 -34.16
C LYS C 334 -13.59 -12.66 -34.29
N ASP C 335 -12.92 -12.81 -33.15
CA ASP C 335 -11.57 -13.37 -33.16
C ASP C 335 -11.64 -14.88 -33.32
N ASP C 336 -11.58 -15.30 -34.59
CA ASP C 336 -11.58 -16.70 -34.96
C ASP C 336 -10.20 -17.13 -35.47
N GLY C 337 -9.18 -16.30 -35.24
CA GLY C 337 -7.81 -16.62 -35.67
C GLY C 337 -7.54 -16.60 -37.14
N LYS C 338 -8.51 -16.15 -37.95
CA LYS C 338 -8.37 -16.19 -39.41
C LYS C 338 -7.74 -14.91 -39.91
N LEU C 339 -6.57 -14.98 -40.53
CA LEU C 339 -5.87 -13.80 -41.01
C LEU C 339 -6.43 -13.29 -42.32
N ASP C 340 -7.14 -14.15 -43.07
CA ASP C 340 -7.71 -13.82 -44.39
C ASP C 340 -6.66 -13.30 -45.35
N LEU C 341 -5.51 -13.98 -45.41
CA LEU C 341 -4.48 -13.67 -46.38
C LEU C 341 -4.74 -14.63 -47.55
N GLN D 22 -34.65 30.72 2.81
CA GLN D 22 -35.45 30.34 1.61
C GLN D 22 -36.18 29.02 1.79
N PHE D 23 -35.64 28.12 2.60
CA PHE D 23 -36.27 26.83 2.91
C PHE D 23 -36.31 26.61 4.43
N ALA D 24 -37.29 25.84 4.86
CA ALA D 24 -37.47 25.50 6.26
C ALA D 24 -36.73 24.20 6.50
N VAL D 25 -35.97 24.13 7.59
CA VAL D 25 -35.39 22.85 8.05
C VAL D 25 -36.47 21.76 8.13
N GLY D 26 -36.16 20.58 7.63
CA GLY D 26 -37.11 19.49 7.44
C GLY D 26 -37.96 19.49 6.17
N GLU D 27 -37.94 20.56 5.39
CA GLU D 27 -38.79 20.62 4.18
C GLU D 27 -38.34 19.63 3.11
N ILE D 28 -39.28 19.14 2.31
CA ILE D 28 -39.02 18.07 1.33
C ILE D 28 -39.05 18.70 -0.04
N ILE D 29 -37.98 18.50 -0.80
CA ILE D 29 -37.96 18.95 -2.20
C ILE D 29 -37.77 17.75 -3.13
N THR D 30 -38.31 17.84 -4.35
CA THR D 30 -38.32 16.74 -5.29
C THR D 30 -37.59 17.15 -6.58
N ASP D 31 -36.66 16.32 -7.02
CA ASP D 31 -35.82 16.65 -8.17
C ASP D 31 -36.47 16.16 -9.48
N MET D 32 -35.77 16.41 -10.59
CA MET D 32 -36.20 16.01 -11.91
C MET D 32 -36.34 14.50 -12.11
N ALA D 33 -35.66 13.70 -11.34
CA ALA D 33 -35.82 12.23 -11.35
C ALA D 33 -36.90 11.74 -10.39
N ALA D 34 -37.67 12.66 -9.82
CA ALA D 34 -38.68 12.40 -8.78
C ALA D 34 -38.12 11.86 -7.45
N ALA D 35 -36.82 12.03 -7.22
CA ALA D 35 -36.21 11.64 -5.95
C ALA D 35 -36.51 12.75 -4.94
N ALA D 36 -36.85 12.33 -3.72
CA ALA D 36 -37.14 13.26 -2.63
C ALA D 36 -35.89 13.52 -1.77
N TRP D 37 -35.73 14.78 -1.40
CA TRP D 37 -34.63 15.20 -0.55
C TRP D 37 -35.21 16.04 0.57
N LYS D 38 -34.54 15.96 1.74
CA LYS D 38 -34.91 16.75 2.89
C LYS D 38 -33.82 17.78 3.19
N VAL D 39 -34.26 18.98 3.53
CA VAL D 39 -33.37 20.10 3.81
C VAL D 39 -33.06 20.16 5.31
N GLY D 40 -31.80 20.43 5.63
CA GLY D 40 -31.34 20.66 7.01
C GLY D 40 -30.99 22.13 7.22
N LEU D 41 -30.04 22.39 8.11
CA LEU D 41 -29.69 23.78 8.47
C LEU D 41 -28.76 24.42 7.41
N PRO D 42 -28.74 25.76 7.35
CA PRO D 42 -27.74 26.43 6.52
C PRO D 42 -26.30 26.13 6.94
N ILE D 43 -25.35 26.33 6.03
CA ILE D 43 -23.93 26.38 6.40
C ILE D 43 -23.26 27.69 5.93
N GLY D 44 -22.35 28.23 6.76
CA GLY D 44 -21.54 29.42 6.45
C GLY D 44 -22.24 30.62 5.82
N GLY D 47 -21.28 32.03 2.00
CA GLY D 47 -20.25 32.31 1.02
C GLY D 47 -20.63 32.07 -0.44
N PHE D 48 -21.46 31.05 -0.68
CA PHE D 48 -21.87 30.65 -2.03
C PHE D 48 -23.37 30.86 -2.32
N GLY D 49 -23.96 31.90 -1.71
CA GLY D 49 -25.41 32.12 -1.72
C GLY D 49 -26.14 31.29 -0.67
N CYS D 50 -27.41 30.98 -0.93
CA CYS D 50 -28.23 30.13 -0.10
C CYS D 50 -27.83 28.67 -0.27
N ILE D 51 -27.20 28.11 0.75
CA ILE D 51 -26.80 26.71 0.78
C ILE D 51 -27.19 26.10 2.10
N TYR D 52 -27.76 24.90 2.04
CA TYR D 52 -28.24 24.14 3.20
C TYR D 52 -27.69 22.74 3.15
N LEU D 53 -27.48 22.12 4.31
CA LEU D 53 -27.22 20.69 4.38
C LEU D 53 -28.47 19.95 3.85
N ALA D 54 -28.25 18.76 3.32
CA ALA D 54 -29.34 18.00 2.71
C ALA D 54 -29.04 16.52 2.69
N ASP D 55 -30.09 15.72 2.64
CA ASP D 55 -29.96 14.29 2.56
C ASP D 55 -31.19 13.71 1.91
N MET D 56 -31.13 12.42 1.59
CA MET D 56 -32.29 11.71 1.02
C MET D 56 -33.43 11.80 2.04
N ASN D 57 -34.66 11.84 1.55
CA ASN D 57 -35.81 11.84 2.42
C ASN D 57 -35.85 10.54 3.23
N SER D 58 -36.04 10.67 4.54
CA SER D 58 -36.16 9.54 5.46
C SER D 58 -36.93 9.98 6.70
N SER D 59 -37.16 9.04 7.62
CA SER D 59 -37.73 9.38 8.93
C SER D 59 -36.77 10.23 9.80
N GLU D 60 -35.46 10.05 9.63
CA GLU D 60 -34.45 10.82 10.36
C GLU D 60 -34.40 12.28 9.90
N SER D 61 -34.04 13.20 10.80
CA SER D 61 -33.77 14.60 10.42
C SER D 61 -32.40 14.68 9.74
N VAL D 62 -32.18 15.75 8.98
CA VAL D 62 -30.89 15.97 8.33
C VAL D 62 -29.89 16.45 9.39
N GLY D 63 -28.82 15.70 9.59
CA GLY D 63 -27.85 15.98 10.63
C GLY D 63 -26.70 16.88 10.21
N SER D 64 -25.85 17.21 11.18
CA SER D 64 -24.64 18.01 10.96
C SER D 64 -23.60 17.31 10.08
N ASP D 65 -23.68 15.98 9.97
CA ASP D 65 -22.78 15.19 9.11
C ASP D 65 -23.44 14.78 7.75
N ALA D 66 -24.38 15.59 7.27
CA ALA D 66 -25.11 15.31 6.03
C ALA D 66 -24.15 15.17 4.84
N PRO D 67 -24.37 14.19 3.96
CA PRO D 67 -23.45 13.98 2.84
C PRO D 67 -23.68 14.93 1.65
N CYS D 68 -24.75 15.74 1.65
CA CYS D 68 -25.05 16.63 0.54
C CYS D 68 -25.37 18.03 1.01
N VAL D 69 -25.39 18.95 0.06
CA VAL D 69 -25.89 20.27 0.26
C VAL D 69 -26.84 20.59 -0.87
N VAL D 70 -27.73 21.53 -0.63
CA VAL D 70 -28.61 22.04 -1.64
C VAL D 70 -28.29 23.50 -1.83
N LYS D 71 -28.02 23.89 -3.07
CA LYS D 71 -27.86 25.29 -3.45
C LYS D 71 -29.14 25.75 -4.07
N VAL D 72 -29.58 26.96 -3.72
CA VAL D 72 -30.89 27.48 -4.15
C VAL D 72 -30.75 28.92 -4.58
N GLU D 73 -31.38 29.26 -5.70
CA GLU D 73 -31.38 30.61 -6.25
C GLU D 73 -32.75 30.84 -6.88
N PRO D 74 -33.13 32.10 -7.12
CA PRO D 74 -34.38 32.32 -7.90
C PRO D 74 -34.35 31.57 -9.23
N SER D 75 -35.51 31.13 -9.71
CA SER D 75 -35.58 30.40 -10.99
C SER D 75 -35.07 31.18 -12.20
N ASP D 76 -35.13 32.51 -12.11
CA ASP D 76 -34.53 33.39 -13.15
C ASP D 76 -33.01 33.66 -12.99
N ASN D 77 -32.40 33.10 -11.97
CA ASN D 77 -30.95 33.17 -11.71
C ASN D 77 -30.19 32.43 -12.82
N GLY D 78 -29.41 33.21 -13.55
CA GLY D 78 -28.59 32.68 -14.65
C GLY D 78 -27.54 31.68 -14.18
N PRO D 79 -26.75 32.04 -13.16
CA PRO D 79 -25.64 31.20 -12.79
C PRO D 79 -25.98 29.75 -12.43
N LEU D 80 -27.03 29.56 -11.67
CA LEU D 80 -27.39 28.19 -11.24
C LEU D 80 -27.76 27.34 -12.52
N PHE D 81 -28.47 27.97 -13.46
CA PHE D 81 -28.82 27.30 -14.70
C PHE D 81 -27.58 26.94 -15.53
N THR D 82 -26.64 27.88 -15.63
CA THR D 82 -25.35 27.63 -16.28
C THR D 82 -24.63 26.43 -15.64
N GLU D 83 -24.60 26.43 -14.32
CA GLU D 83 -23.94 25.37 -13.58
C GLU D 83 -24.65 23.99 -13.82
N LEU D 84 -25.98 23.99 -13.78
CA LEU D 84 -26.72 22.78 -14.07
C LEU D 84 -26.38 22.19 -15.48
N LYS D 85 -26.36 23.08 -16.48
CA LYS D 85 -26.03 22.62 -17.80
C LYS D 85 -24.59 22.06 -17.87
N PHE D 86 -23.65 22.70 -17.17
CA PHE D 86 -22.28 22.19 -17.07
C PHE D 86 -22.27 20.77 -16.55
N TYR D 87 -22.90 20.56 -15.40
CA TYR D 87 -22.85 19.26 -14.76
C TYR D 87 -23.50 18.18 -15.63
N GLN D 88 -24.64 18.54 -16.26
CA GLN D 88 -25.31 17.57 -17.11
C GLN D 88 -24.54 17.20 -18.36
N ARG D 89 -23.81 18.15 -18.94
CA ARG D 89 -23.08 17.88 -20.17
C ARG D 89 -21.71 17.22 -19.93
N ALA D 90 -21.02 17.70 -18.90
CA ALA D 90 -19.58 17.46 -18.77
C ALA D 90 -19.15 16.77 -17.51
N ALA D 91 -20.01 16.66 -16.50
CA ALA D 91 -19.58 16.15 -15.21
C ALA D 91 -20.49 15.09 -14.66
N LYS D 92 -20.97 14.26 -15.57
CA LYS D 92 -21.80 13.12 -15.14
C LYS D 92 -20.81 12.14 -14.42
N PRO D 93 -21.29 11.34 -13.46
CA PRO D 93 -20.38 10.46 -12.74
C PRO D 93 -19.58 9.46 -13.67
N GLU D 94 -20.21 8.88 -14.70
CA GLU D 94 -19.49 7.93 -15.62
C GLU D 94 -18.32 8.69 -16.33
N GLN D 95 -18.56 9.94 -16.67
CA GLN D 95 -17.54 10.75 -17.36
C GLN D 95 -16.33 10.97 -16.43
N ILE D 96 -16.61 11.33 -15.19
CA ILE D 96 -15.55 11.55 -14.19
C ILE D 96 -14.81 10.24 -13.90
N GLN D 97 -15.58 9.16 -13.68
CA GLN D 97 -14.96 7.88 -13.38
C GLN D 97 -14.08 7.38 -14.51
N LYS D 98 -14.55 7.54 -15.74
CA LYS D 98 -13.76 7.14 -16.90
C LYS D 98 -12.43 7.89 -16.96
N TRP D 99 -12.47 9.21 -16.71
CA TRP D 99 -11.26 9.98 -16.73
C TRP D 99 -10.29 9.57 -15.60
N ILE D 100 -10.82 9.36 -14.39
CA ILE D 100 -10.00 8.93 -13.28
C ILE D 100 -9.26 7.62 -13.63
N ARG D 101 -9.98 6.68 -14.24
CA ARG D 101 -9.39 5.40 -14.61
C ARG D 101 -8.37 5.52 -15.75
N THR D 102 -8.72 6.19 -16.83
CA THR D 102 -7.81 6.29 -18.00
C THR D 102 -6.58 7.12 -17.71
N ARG D 103 -6.69 8.16 -16.87
CA ARG D 103 -5.54 9.02 -16.56
CA ARG D 103 -5.55 9.02 -16.54
C ARG D 103 -4.83 8.55 -15.30
N LYS D 104 -5.29 7.45 -14.69
CA LYS D 104 -4.64 6.84 -13.53
C LYS D 104 -4.52 7.81 -12.35
N LEU D 105 -5.61 8.55 -12.06
CA LEU D 105 -5.60 9.50 -10.99
C LEU D 105 -6.04 8.83 -9.72
N LYS D 106 -5.61 9.37 -8.58
CA LYS D 106 -6.12 8.95 -7.28
C LYS D 106 -7.52 9.47 -7.04
N TYR D 107 -7.81 10.68 -7.51
CA TYR D 107 -9.15 11.23 -7.44
C TYR D 107 -9.24 12.34 -8.50
N LEU D 108 -10.40 12.93 -8.67
CA LEU D 108 -10.53 14.17 -9.48
C LEU D 108 -11.44 15.13 -8.76
N GLY D 109 -10.99 16.37 -8.55
CA GLY D 109 -11.70 17.34 -7.77
C GLY D 109 -12.84 18.07 -8.46
N VAL D 110 -13.67 17.33 -9.19
CA VAL D 110 -14.92 17.87 -9.72
C VAL D 110 -16.02 17.27 -8.84
N PRO D 111 -16.87 18.10 -8.25
CA PRO D 111 -17.91 17.56 -7.37
C PRO D 111 -18.89 16.66 -8.07
N LYS D 112 -19.45 15.74 -7.33
CA LYS D 112 -20.62 14.98 -7.82
C LYS D 112 -21.92 15.79 -7.71
N TYR D 113 -22.64 15.80 -8.81
CA TYR D 113 -23.97 16.37 -8.97
C TYR D 113 -24.99 15.26 -8.73
N TRP D 114 -25.91 15.50 -7.81
CA TRP D 114 -26.92 14.51 -7.41
C TRP D 114 -28.33 14.75 -7.92
N GLY D 115 -28.66 15.97 -8.35
CA GLY D 115 -29.97 16.26 -8.89
C GLY D 115 -30.31 17.71 -8.84
N SER D 116 -31.39 18.05 -9.50
CA SER D 116 -31.84 19.43 -9.56
C SER D 116 -33.33 19.51 -9.76
N GLY D 117 -33.85 20.67 -9.45
CA GLY D 117 -35.30 20.86 -9.56
C GLY D 117 -35.79 22.24 -9.31
N LEU D 118 -37.10 22.36 -9.06
CA LEU D 118 -37.75 23.62 -8.78
C LEU D 118 -38.44 23.52 -7.42
N HIS D 119 -38.51 24.63 -6.72
CA HIS D 119 -39.20 24.72 -5.46
C HIS D 119 -39.88 26.05 -5.35
N ASP D 120 -41.19 26.07 -5.11
CA ASP D 120 -41.93 27.31 -4.93
C ASP D 120 -42.16 27.56 -3.42
N LYS D 121 -41.94 28.79 -2.98
CA LYS D 121 -42.01 29.16 -1.57
C LYS D 121 -42.34 30.63 -1.42
N ASN D 122 -43.34 30.92 -0.58
CA ASN D 122 -43.85 32.29 -0.37
C ASN D 122 -44.21 32.99 -1.71
N GLY D 123 -44.86 32.25 -2.60
CA GLY D 123 -45.24 32.75 -3.93
C GLY D 123 -44.14 33.06 -4.93
N LYS D 124 -42.90 32.64 -4.65
CA LYS D 124 -41.74 32.86 -5.54
C LYS D 124 -41.18 31.52 -6.00
N SER D 125 -40.61 31.47 -7.20
CA SER D 125 -40.06 30.21 -7.75
C SER D 125 -38.54 30.18 -7.62
N TYR D 126 -38.03 29.05 -7.09
CA TYR D 126 -36.61 28.82 -6.91
C TYR D 126 -36.17 27.59 -7.67
N ARG D 127 -34.89 27.60 -8.04
CA ARG D 127 -34.22 26.48 -8.68
C ARG D 127 -33.25 25.95 -7.64
N PHE D 128 -33.08 24.64 -7.58
CA PHE D 128 -32.09 24.06 -6.72
C PHE D 128 -31.21 23.03 -7.41
N MET D 129 -30.04 22.83 -6.79
CA MET D 129 -29.14 21.76 -7.15
C MET D 129 -28.65 21.07 -5.88
N ILE D 130 -28.62 19.75 -5.91
CA ILE D 130 -28.06 18.94 -4.83
C ILE D 130 -26.65 18.51 -5.22
N MET D 131 -25.69 18.76 -4.35
CA MET D 131 -24.27 18.47 -4.61
C MET D 131 -23.64 17.80 -3.40
N ASP D 132 -22.43 17.27 -3.60
CA ASP D 132 -21.59 16.78 -2.51
C ASP D 132 -21.47 17.83 -1.42
N ARG D 133 -21.48 17.37 -0.16
CA ARG D 133 -21.05 18.21 0.96
C ARG D 133 -19.52 18.05 1.11
N PHE D 134 -18.85 19.18 1.37
CA PHE D 134 -17.41 19.23 1.52
C PHE D 134 -17.03 19.73 2.93
N GLY D 135 -15.72 19.71 3.22
CA GLY D 135 -15.17 20.34 4.41
C GLY D 135 -14.93 21.82 4.20
N SER D 136 -13.83 22.31 4.74
CA SER D 136 -13.54 23.72 4.71
C SER D 136 -13.13 24.20 3.31
N ASP D 137 -13.37 25.47 3.05
CA ASP D 137 -12.81 26.11 1.85
C ASP D 137 -11.37 26.50 2.15
N LEU D 138 -10.55 26.64 1.11
CA LEU D 138 -9.14 26.96 1.30
C LEU D 138 -8.89 28.39 1.78
N GLN D 139 -9.82 29.32 1.51
CA GLN D 139 -9.64 30.71 1.90
C GLN D 139 -9.60 30.85 3.43
N LYS D 140 -10.51 30.13 4.12
CA LYS D 140 -10.48 30.10 5.60
C LYS D 140 -9.13 29.58 6.13
N ILE D 141 -8.64 28.50 5.56
CA ILE D 141 -7.37 27.89 5.98
C ILE D 141 -6.19 28.82 5.70
N TYR D 142 -6.19 29.43 4.52
CA TYR D 142 -5.21 30.46 4.14
C TYR D 142 -5.15 31.62 5.16
N GLU D 143 -6.31 32.17 5.48
CA GLU D 143 -6.40 33.27 6.43
C GLU D 143 -5.94 32.86 7.85
N ALA D 144 -6.27 31.64 8.25
CA ALA D 144 -5.80 31.08 9.51
C ALA D 144 -4.29 30.82 9.53
N ASN D 145 -3.66 30.71 8.37
CA ASN D 145 -2.22 30.53 8.26
C ASN D 145 -1.51 31.85 7.95
N ALA D 146 -2.10 32.97 8.38
CA ALA D 146 -1.58 34.33 8.16
C ALA D 146 -1.34 34.63 6.67
N LYS D 147 -2.28 34.16 5.84
CA LYS D 147 -2.28 34.43 4.39
C LYS D 147 -1.01 33.99 3.69
N ARG D 148 -0.58 32.76 3.99
CA ARG D 148 0.46 32.09 3.28
C ARG D 148 0.10 30.62 3.16
N PHE D 149 0.49 30.02 2.03
CA PHE D 149 0.68 28.59 1.93
C PHE D 149 2.11 28.39 1.54
N SER D 150 2.66 27.26 1.97
CA SER D 150 4.04 26.92 1.65
C SER D 150 4.20 26.59 0.19
N ARG D 151 5.42 26.63 -0.29
CA ARG D 151 5.72 26.24 -1.65
C ARG D 151 5.26 24.81 -1.96
N LYS D 152 5.55 23.89 -1.04
CA LYS D 152 5.05 22.49 -1.16
C LYS D 152 3.52 22.46 -1.36
N THR D 153 2.80 23.14 -0.49
CA THR D 153 1.34 23.16 -0.53
C THR D 153 0.82 23.77 -1.84
N VAL D 154 1.41 24.89 -2.26
CA VAL D 154 0.98 25.58 -3.47
C VAL D 154 1.17 24.67 -4.67
N LEU D 155 2.32 24.00 -4.74
CA LEU D 155 2.60 23.13 -5.87
C LEU D 155 1.65 21.90 -5.88
N GLN D 156 1.39 21.34 -4.72
CA GLN D 156 0.47 20.20 -4.60
C GLN D 156 -0.99 20.57 -4.93
N LEU D 157 -1.44 21.72 -4.43
CA LEU D 157 -2.75 22.26 -4.81
C LEU D 157 -2.84 22.44 -6.32
N SER D 158 -1.83 23.06 -6.91
CA SER D 158 -1.84 23.43 -8.30
C SER D 158 -1.78 22.25 -9.25
N LEU D 159 -1.05 21.19 -8.88
CA LEU D 159 -1.08 19.96 -9.66
C LEU D 159 -2.50 19.37 -9.76
N ARG D 160 -3.22 19.37 -8.66
CA ARG D 160 -4.59 18.84 -8.64
C ARG D 160 -5.57 19.77 -9.37
N ILE D 161 -5.33 21.07 -9.29
CA ILE D 161 -6.14 22.03 -10.04
C ILE D 161 -5.87 21.86 -11.53
N LEU D 162 -4.62 21.61 -11.94
CA LEU D 162 -4.36 21.29 -13.34
C LEU D 162 -5.10 20.04 -13.81
N ASP D 163 -5.23 19.02 -12.96
CA ASP D 163 -6.04 17.83 -13.33
C ASP D 163 -7.50 18.25 -13.60
N ILE D 164 -8.05 19.10 -12.72
CA ILE D 164 -9.43 19.55 -12.85
C ILE D 164 -9.62 20.38 -14.14
N LEU D 165 -8.70 21.32 -14.36
CA LEU D 165 -8.78 22.18 -15.51
C LEU D 165 -8.63 21.40 -16.81
N GLU D 166 -7.70 20.46 -16.87
CA GLU D 166 -7.54 19.65 -18.07
C GLU D 166 -8.85 18.88 -18.33
N TYR D 167 -9.45 18.34 -17.28
CA TYR D 167 -10.72 17.62 -17.43
C TYR D 167 -11.81 18.51 -18.00
N ILE D 168 -12.06 19.65 -17.36
CA ILE D 168 -13.16 20.49 -17.84
C ILE D 168 -12.90 21.01 -19.24
N HIS D 169 -11.65 21.41 -19.52
CA HIS D 169 -11.27 21.90 -20.83
C HIS D 169 -11.50 20.86 -21.93
N GLU D 170 -11.13 19.62 -21.63
CA GLU D 170 -11.38 18.53 -22.59
C GLU D 170 -12.86 18.19 -22.75
N HIS D 171 -13.70 18.68 -21.85
CA HIS D 171 -15.15 18.54 -21.95
C HIS D 171 -15.84 19.85 -22.32
N GLU D 172 -15.10 20.72 -23.01
CA GLU D 172 -15.60 21.92 -23.67
C GLU D 172 -15.88 23.13 -22.78
N TYR D 173 -15.47 23.08 -21.51
CA TYR D 173 -15.73 24.15 -20.57
C TYR D 173 -14.48 24.80 -19.97
N VAL D 174 -14.59 26.08 -19.67
CA VAL D 174 -13.64 26.77 -18.75
C VAL D 174 -14.38 27.23 -17.51
N HIS D 175 -13.65 27.40 -16.41
CA HIS D 175 -14.23 27.80 -15.14
C HIS D 175 -14.29 29.32 -14.95
N GLY D 176 -13.19 30.01 -15.22
CA GLY D 176 -13.12 31.46 -15.16
C GLY D 176 -13.06 32.14 -13.79
N ASP D 177 -13.02 31.37 -12.71
CA ASP D 177 -13.09 31.94 -11.36
C ASP D 177 -12.42 31.06 -10.31
N ILE D 178 -11.26 30.56 -10.67
CA ILE D 178 -10.45 29.78 -9.73
C ILE D 178 -9.96 30.74 -8.64
N LYS D 179 -10.17 30.33 -7.39
CA LYS D 179 -9.72 31.06 -6.22
C LYS D 179 -9.91 30.19 -4.98
N ALA D 180 -9.22 30.56 -3.90
CA ALA D 180 -9.26 29.74 -2.67
C ALA D 180 -10.65 29.55 -2.07
N SER D 181 -11.51 30.55 -2.18
CA SER D 181 -12.88 30.45 -1.69
C SER D 181 -13.76 29.50 -2.55
N ASN D 182 -13.29 29.13 -3.75
CA ASN D 182 -13.96 28.13 -4.60
C ASN D 182 -13.25 26.80 -4.59
N LEU D 183 -12.35 26.59 -3.62
CA LEU D 183 -11.64 25.33 -3.48
C LEU D 183 -11.98 24.76 -2.11
N LEU D 184 -12.61 23.58 -2.10
CA LEU D 184 -13.09 22.93 -0.88
C LEU D 184 -12.40 21.59 -0.73
N LEU D 185 -12.15 21.21 0.54
CA LEU D 185 -11.52 19.94 0.81
C LEU D 185 -12.60 18.85 0.89
N ASN D 186 -12.24 17.64 0.49
CA ASN D 186 -13.06 16.46 0.71
C ASN D 186 -13.40 16.39 2.22
N TYR D 187 -14.69 16.25 2.53
CA TYR D 187 -15.17 16.21 3.93
C TYR D 187 -14.48 15.12 4.75
N LYS D 188 -14.13 14.01 4.12
CA LYS D 188 -13.48 12.88 4.77
C LYS D 188 -12.00 12.71 4.42
N ASN D 189 -11.39 13.64 3.67
CA ASN D 189 -9.98 13.51 3.26
C ASN D 189 -9.36 14.89 2.96
N PRO D 190 -8.62 15.46 3.92
CA PRO D 190 -8.07 16.80 3.75
C PRO D 190 -6.91 16.95 2.75
N ASP D 191 -6.51 15.88 2.07
CA ASP D 191 -5.54 15.98 0.97
C ASP D 191 -6.20 16.05 -0.42
N GLN D 192 -7.52 16.10 -0.46
CA GLN D 192 -8.25 16.10 -1.74
C GLN D 192 -8.98 17.43 -1.85
N VAL D 193 -8.60 18.22 -2.84
CA VAL D 193 -9.20 19.53 -3.05
C VAL D 193 -10.11 19.46 -4.31
N TYR D 194 -11.25 20.11 -4.19
CA TYR D 194 -12.26 20.20 -5.25
C TYR D 194 -12.50 21.65 -5.65
N LEU D 195 -12.70 21.86 -6.94
CA LEU D 195 -13.04 23.16 -7.48
C LEU D 195 -14.56 23.19 -7.63
N VAL D 196 -15.19 24.19 -7.01
CA VAL D 196 -16.63 24.35 -7.05
C VAL D 196 -17.05 25.64 -7.74
N ASP D 197 -18.34 25.78 -7.92
CA ASP D 197 -19.03 26.94 -8.44
C ASP D 197 -18.77 27.15 -9.94
N TYR D 198 -19.59 26.56 -10.77
CA TYR D 198 -19.48 26.65 -12.23
C TYR D 198 -20.58 27.57 -12.82
N GLY D 199 -21.11 28.44 -11.96
CA GLY D 199 -22.02 29.49 -12.35
C GLY D 199 -21.63 30.45 -13.42
N LEU D 200 -20.34 30.71 -13.52
CA LEU D 200 -19.79 31.52 -14.62
C LEU D 200 -18.88 30.71 -15.55
N ALA D 201 -19.03 29.38 -15.53
CA ALA D 201 -18.35 28.52 -16.47
C ALA D 201 -18.90 28.80 -17.88
N TYR D 202 -18.05 28.54 -18.85
CA TYR D 202 -18.33 28.92 -20.21
C TYR D 202 -17.99 27.78 -21.11
N ARG D 203 -18.91 27.43 -22.03
CA ARG D 203 -18.69 26.41 -22.98
C ARG D 203 -17.96 27.01 -24.18
N TYR D 204 -16.63 26.99 -24.10
CA TYR D 204 -15.75 27.69 -25.02
C TYR D 204 -15.56 26.93 -26.33
N CYS D 205 -15.88 25.63 -26.37
CA CYS D 205 -15.58 24.85 -27.55
C CYS D 205 -16.73 23.85 -27.88
N PRO D 206 -17.95 24.37 -28.07
CA PRO D 206 -19.09 23.45 -28.36
C PRO D 206 -18.84 22.64 -29.61
N GLU D 207 -18.93 21.31 -29.48
CA GLU D 207 -18.65 20.34 -30.57
C GLU D 207 -17.29 20.51 -31.19
N GLY D 208 -16.30 20.90 -30.40
CA GLY D 208 -14.95 21.07 -30.89
C GLY D 208 -14.66 22.32 -31.70
N VAL D 209 -15.60 23.25 -31.76
CA VAL D 209 -15.41 24.50 -32.48
C VAL D 209 -15.18 25.64 -31.45
N HIS D 210 -13.95 26.17 -31.46
CA HIS D 210 -13.59 27.20 -30.47
C HIS D 210 -14.28 28.51 -30.74
N LYS D 211 -14.81 29.13 -29.70
CA LYS D 211 -15.33 30.49 -29.77
C LYS D 211 -14.32 31.43 -30.34
N ALA D 212 -14.71 32.29 -31.29
CA ALA D 212 -13.74 33.20 -31.90
C ALA D 212 -13.48 34.35 -30.95
N TYR D 213 -12.26 34.89 -31.00
CA TYR D 213 -11.83 36.01 -30.20
C TYR D 213 -12.68 37.23 -30.59
N ALA D 214 -13.31 37.83 -29.60
CA ALA D 214 -13.94 39.14 -29.78
C ALA D 214 -14.17 39.82 -28.46
N ALA D 215 -13.99 41.14 -28.45
CA ALA D 215 -14.16 41.90 -27.20
C ALA D 215 -15.59 42.41 -27.15
N ASP D 216 -16.29 42.06 -26.09
CA ASP D 216 -17.69 42.39 -25.87
C ASP D 216 -17.73 43.30 -24.64
N PRO D 217 -18.15 44.58 -24.84
CA PRO D 217 -18.20 45.50 -23.66
C PRO D 217 -19.07 45.02 -22.50
N LYS D 218 -20.08 44.22 -22.77
CA LYS D 218 -20.92 43.59 -21.71
C LYS D 218 -20.16 42.58 -20.83
N ARG D 219 -19.05 42.02 -21.33
CA ARG D 219 -18.23 41.06 -20.56
C ARG D 219 -17.02 41.65 -19.82
N CYS D 220 -16.68 42.91 -20.06
CA CYS D 220 -15.48 43.47 -19.47
C CYS D 220 -15.44 43.29 -17.96
N HIS D 221 -14.30 42.77 -17.52
CA HIS D 221 -14.02 42.53 -16.10
C HIS D 221 -14.85 41.46 -15.40
N ASP D 222 -15.39 40.47 -16.12
CA ASP D 222 -15.98 39.32 -15.50
C ASP D 222 -14.95 38.53 -14.67
N GLY D 223 -15.44 37.76 -13.73
CA GLY D 223 -14.61 36.97 -12.81
C GLY D 223 -14.38 37.76 -11.53
N THR D 224 -13.39 37.34 -10.73
CA THR D 224 -13.04 38.01 -9.50
C THR D 224 -11.85 38.93 -9.82
N ILE D 225 -12.03 40.24 -9.62
CA ILE D 225 -11.17 41.21 -10.22
C ILE D 225 -9.67 41.00 -9.98
N GLU D 226 -9.27 40.64 -8.79
CA GLU D 226 -7.83 40.51 -8.51
C GLU D 226 -7.20 39.29 -9.20
N PHE D 227 -8.00 38.25 -9.51
CA PHE D 227 -7.49 37.03 -10.13
C PHE D 227 -7.87 36.84 -11.60
N THR D 228 -8.79 37.64 -12.14
CA THR D 228 -9.33 37.34 -13.47
C THR D 228 -8.30 37.53 -14.57
N SER D 229 -8.56 36.94 -15.72
CA SER D 229 -7.66 37.02 -16.87
C SER D 229 -7.67 38.35 -17.57
N ILE D 230 -6.56 38.65 -18.24
CA ILE D 230 -6.51 39.84 -19.14
C ILE D 230 -7.63 39.76 -20.21
N ASP D 231 -7.85 38.55 -20.75
CA ASP D 231 -8.97 38.34 -21.69
C ASP D 231 -10.28 38.84 -21.09
N ALA D 232 -10.59 38.41 -19.88
CA ALA D 232 -11.81 38.81 -19.20
C ALA D 232 -11.89 40.31 -18.97
N HIS D 233 -10.77 40.92 -18.56
CA HIS D 233 -10.71 42.37 -18.44
C HIS D 233 -11.02 43.07 -19.77
N ASN D 234 -10.58 42.47 -20.89
CA ASN D 234 -10.78 43.03 -22.22
C ASN D 234 -12.21 42.76 -22.76
N GLY D 235 -13.06 42.10 -21.98
CA GLY D 235 -14.40 41.70 -22.41
C GLY D 235 -14.44 40.54 -23.40
N VAL D 236 -13.41 39.71 -23.37
CA VAL D 236 -13.33 38.55 -24.25
C VAL D 236 -13.83 37.34 -23.50
N ALA D 237 -14.62 36.48 -24.14
CA ALA D 237 -15.11 35.29 -23.49
C ALA D 237 -13.95 34.44 -22.98
N PRO D 238 -14.09 33.84 -21.80
CA PRO D 238 -12.96 33.09 -21.23
C PRO D 238 -12.56 31.87 -22.06
N SER D 239 -11.26 31.58 -22.12
CA SER D 239 -10.77 30.38 -22.78
C SER D 239 -9.72 29.70 -21.89
N ARG D 240 -9.04 28.71 -22.43
CA ARG D 240 -8.19 27.85 -21.59
C ARG D 240 -7.03 28.64 -21.01
N ARG D 241 -6.41 29.51 -21.80
CA ARG D 241 -5.27 30.26 -21.28
C ARG D 241 -5.68 31.12 -20.08
N GLY D 242 -6.91 31.65 -20.09
CA GLY D 242 -7.43 32.46 -19.01
C GLY D 242 -7.48 31.67 -17.70
N ASP D 243 -7.93 30.43 -17.75
CA ASP D 243 -7.98 29.61 -16.54
C ASP D 243 -6.59 29.41 -15.95
N LEU D 244 -5.61 29.18 -16.82
CA LEU D 244 -4.23 28.95 -16.38
C LEU D 244 -3.63 30.21 -15.83
N GLU D 245 -3.97 31.35 -16.41
CA GLU D 245 -3.53 32.67 -15.92
C GLU D 245 -4.07 32.93 -14.54
N ILE D 246 -5.36 32.67 -14.35
CA ILE D 246 -6.02 32.86 -13.04
C ILE D 246 -5.28 32.01 -11.99
N LEU D 247 -5.01 30.76 -12.30
CA LEU D 247 -4.29 29.88 -11.38
C LEU D 247 -2.91 30.47 -11.04
N GLY D 248 -2.26 31.04 -12.04
CA GLY D 248 -0.97 31.75 -11.83
C GLY D 248 -1.03 32.82 -10.81
N TYR D 249 -2.05 33.68 -10.91
CA TYR D 249 -2.24 34.76 -9.92
C TYR D 249 -2.57 34.19 -8.56
N CYS D 250 -3.38 33.14 -8.51
CA CYS D 250 -3.64 32.45 -7.25
C CYS D 250 -2.33 31.94 -6.59
N MET D 251 -1.47 31.30 -7.38
CA MET D 251 -0.22 30.74 -6.85
C MET D 251 0.64 31.84 -6.21
N ILE D 252 0.73 32.99 -6.86
CA ILE D 252 1.50 34.12 -6.33
C ILE D 252 0.87 34.66 -5.06
N GLN D 253 -0.45 34.88 -5.08
CA GLN D 253 -1.18 35.30 -3.91
C GLN D 253 -0.93 34.35 -2.73
N TRP D 254 -1.00 33.06 -2.98
CA TRP D 254 -0.87 32.06 -1.94
C TRP D 254 0.57 32.04 -1.35
N LEU D 255 1.56 32.10 -2.23
CA LEU D 255 2.96 32.07 -1.83
C LEU D 255 3.39 33.31 -1.08
N THR D 256 2.86 34.49 -1.43
CA THR D 256 3.39 35.75 -0.96
C THR D 256 2.45 36.57 -0.09
N GLY D 257 1.17 36.22 -0.03
CA GLY D 257 0.18 37.03 0.65
C GLY D 257 -0.36 38.24 -0.11
N HIS D 258 0.14 38.50 -1.32
CA HIS D 258 -0.16 39.74 -2.03
C HIS D 258 -0.16 39.57 -3.56
N LEU D 259 -0.78 40.53 -4.22
CA LEU D 259 -0.61 40.75 -5.67
C LEU D 259 -0.35 42.24 -5.89
N PRO D 260 0.40 42.58 -6.94
CA PRO D 260 0.81 43.98 -7.12
C PRO D 260 -0.32 45.01 -7.25
N TRP D 261 -1.46 44.59 -7.77
CA TRP D 261 -2.58 45.48 -8.09
C TRP D 261 -3.63 45.53 -6.98
N GLU D 262 -3.34 44.88 -5.83
CA GLU D 262 -4.36 44.68 -4.80
C GLU D 262 -4.78 45.97 -4.06
N ASP D 263 -4.00 47.03 -4.17
CA ASP D 263 -4.36 48.30 -3.55
C ASP D 263 -5.26 49.18 -4.39
N ASN D 264 -5.61 48.78 -5.61
CA ASN D 264 -6.54 49.60 -6.38
C ASN D 264 -7.50 48.73 -7.18
N LEU D 265 -8.14 47.83 -6.47
CA LEU D 265 -9.11 46.89 -7.07
C LEU D 265 -10.41 47.57 -7.49
N LYS D 266 -10.66 48.80 -6.98
CA LYS D 266 -11.80 49.58 -7.39
C LYS D 266 -11.60 50.28 -8.73
N ASP D 267 -10.40 50.19 -9.32
CA ASP D 267 -10.11 50.73 -10.64
C ASP D 267 -9.79 49.57 -11.60
N PRO D 268 -10.81 49.06 -12.29
CA PRO D 268 -10.60 47.86 -13.12
C PRO D 268 -9.60 48.09 -14.25
N LYS D 269 -9.55 49.33 -14.79
CA LYS D 269 -8.62 49.64 -15.85
C LYS D 269 -7.19 49.54 -15.36
N TYR D 270 -6.95 49.99 -14.13
CA TYR D 270 -5.63 49.87 -13.48
C TYR D 270 -5.24 48.41 -13.29
N VAL D 271 -6.17 47.59 -12.83
CA VAL D 271 -5.89 46.16 -12.61
C VAL D 271 -5.52 45.51 -13.94
N ARG D 272 -6.32 45.77 -14.98
CA ARG D 272 -6.01 45.25 -16.31
C ARG D 272 -4.64 45.68 -16.79
N ASP D 273 -4.38 46.99 -16.70
CA ASP D 273 -3.14 47.53 -17.20
C ASP D 273 -1.94 46.98 -16.45
N SER D 274 -2.06 46.80 -15.14
CA SER D 274 -0.98 46.20 -14.34
C SER D 274 -0.71 44.76 -14.78
N LYS D 275 -1.76 43.96 -14.94
CA LYS D 275 -1.57 42.59 -15.43
C LYS D 275 -0.91 42.56 -16.81
N ILE D 276 -1.32 43.45 -17.70
CA ILE D 276 -0.73 43.52 -19.03
C ILE D 276 0.76 43.86 -18.94
N ARG D 277 1.08 44.85 -18.11
CA ARG D 277 2.47 45.26 -17.91
C ARG D 277 3.33 44.12 -17.35
N TYR D 278 2.79 43.40 -16.40
CA TYR D 278 3.46 42.25 -15.79
C TYR D 278 3.51 41.00 -16.65
N ARG D 279 2.62 40.89 -17.63
CA ARG D 279 2.75 39.87 -18.66
C ARG D 279 3.86 40.21 -19.66
N GLU D 280 3.92 41.48 -20.05
CA GLU D 280 4.94 41.95 -20.99
C GLU D 280 6.34 41.78 -20.35
N ASN D 281 6.43 41.94 -19.03
CA ASN D 281 7.71 41.86 -18.31
C ASN D 281 7.57 40.98 -17.06
N ILE D 282 7.66 39.67 -17.28
CA ILE D 282 7.48 38.71 -16.21
C ILE D 282 8.65 38.78 -15.19
N ALA D 283 9.85 39.09 -15.65
CA ALA D 283 10.97 39.34 -14.70
C ALA D 283 10.59 40.42 -13.68
N SER D 284 9.93 41.50 -14.14
CA SER D 284 9.50 42.55 -13.23
C SER D 284 8.40 42.08 -12.28
N LEU D 285 7.54 41.17 -12.74
CA LEU D 285 6.57 40.56 -11.84
C LEU D 285 7.27 39.76 -10.72
N MET D 286 8.25 38.95 -11.09
CA MET D 286 8.98 38.17 -10.11
C MET D 286 9.71 39.08 -9.10
N ASP D 287 10.33 40.16 -9.59
CA ASP D 287 11.01 41.14 -8.70
C ASP D 287 10.04 41.81 -7.75
N LYS D 288 8.85 42.14 -8.25
CA LYS D 288 7.85 42.79 -7.44
C LYS D 288 7.29 41.90 -6.37
N CYS D 289 6.99 40.65 -6.72
CA CYS D 289 6.27 39.77 -5.80
C CYS D 289 7.16 39.01 -4.83
N PHE D 290 8.39 38.73 -5.25
CA PHE D 290 9.29 37.88 -4.46
C PHE D 290 10.58 38.62 -4.12
N PRO D 291 11.20 38.29 -2.97
CA PRO D 291 12.55 38.82 -2.71
C PRO D 291 13.53 38.29 -3.73
N ALA D 292 14.57 39.05 -4.02
CA ALA D 292 15.56 38.56 -4.98
C ALA D 292 16.09 37.20 -4.61
N ALA D 293 16.34 36.88 -3.32
CA ALA D 293 16.88 35.57 -2.93
C ALA D 293 15.94 34.37 -3.05
N ASN D 294 14.64 34.62 -3.15
CA ASN D 294 13.71 33.49 -2.99
C ASN D 294 12.59 33.54 -4.03
N ALA D 295 13.00 33.77 -5.27
CA ALA D 295 11.98 33.73 -6.38
C ALA D 295 11.85 32.30 -6.93
N PRO D 296 10.67 31.68 -6.77
CA PRO D 296 10.57 30.29 -7.26
C PRO D 296 10.58 30.23 -8.77
N GLY D 297 11.58 29.57 -9.33
CA GLY D 297 11.78 29.50 -10.76
C GLY D 297 10.59 28.88 -11.53
N GLU D 298 9.91 27.93 -10.90
CA GLU D 298 8.76 27.27 -11.53
C GLU D 298 7.60 28.24 -11.77
N ILE D 299 7.45 29.24 -10.91
CA ILE D 299 6.39 30.24 -11.05
C ILE D 299 6.68 31.10 -12.26
N ALA D 300 7.91 31.55 -12.44
CA ALA D 300 8.25 32.29 -13.63
C ALA D 300 8.08 31.49 -14.90
N LYS D 301 8.53 30.24 -14.89
CA LYS D 301 8.39 29.38 -16.07
C LYS D 301 6.89 29.13 -16.41
N TYR D 302 6.11 28.93 -15.37
CA TYR D 302 4.66 28.76 -15.50
C TYR D 302 4.04 29.98 -16.19
N MET D 303 4.35 31.17 -15.66
CA MET D 303 3.84 32.43 -16.24
C MET D 303 4.31 32.68 -17.65
N GLU D 304 5.57 32.33 -17.97
CA GLU D 304 6.07 32.43 -19.33
C GLU D 304 5.33 31.50 -20.26
N THR D 305 5.02 30.31 -19.80
CA THR D 305 4.31 29.31 -20.62
C THR D 305 2.89 29.79 -20.93
N VAL D 306 2.21 30.32 -19.92
CA VAL D 306 0.85 30.89 -20.10
C VAL D 306 0.90 32.08 -21.06
N LYS D 307 1.91 32.94 -20.92
CA LYS D 307 2.09 34.08 -21.82
C LYS D 307 2.17 33.65 -23.30
N LEU D 308 2.78 32.51 -23.56
CA LEU D 308 2.95 32.01 -24.91
C LEU D 308 1.68 31.45 -25.53
N LEU D 309 0.62 31.21 -24.73
CA LEU D 309 -0.61 30.64 -25.27
C LEU D 309 -1.41 31.68 -26.05
N ASP D 310 -1.82 31.30 -27.27
CA ASP D 310 -2.82 32.07 -27.98
C ASP D 310 -4.21 31.77 -27.42
N TYR D 311 -5.14 32.64 -27.74
CA TYR D 311 -6.50 32.56 -27.24
C TYR D 311 -7.17 31.20 -27.48
N THR D 312 -6.97 30.62 -28.67
CA THR D 312 -7.61 29.34 -29.00
C THR D 312 -6.72 28.14 -28.75
N GLU D 313 -5.50 28.36 -28.26
CA GLU D 313 -4.50 27.31 -28.21
C GLU D 313 -4.76 26.29 -27.11
N LYS D 314 -4.57 25.02 -27.46
CA LYS D 314 -4.63 23.95 -26.48
C LYS D 314 -3.35 23.94 -25.66
N PRO D 315 -3.45 24.08 -24.32
CA PRO D 315 -2.25 24.01 -23.50
C PRO D 315 -1.61 22.63 -23.57
N LEU D 316 -0.30 22.61 -23.39
CA LEU D 316 0.43 21.35 -23.18
C LEU D 316 0.47 21.15 -21.69
N TYR D 317 -0.54 20.43 -21.19
CA TYR D 317 -0.76 20.30 -19.76
C TYR D 317 0.39 19.50 -19.13
N GLU D 318 0.99 18.55 -19.86
CA GLU D 318 2.10 17.77 -19.27
C GLU D 318 3.31 18.64 -19.00
N ASN D 319 3.59 19.57 -19.91
CA ASN D 319 4.67 20.57 -19.76
C ASN D 319 4.42 21.45 -18.53
N LEU D 320 3.18 21.89 -18.31
CA LEU D 320 2.86 22.66 -17.13
C LEU D 320 3.02 21.85 -15.87
N ARG D 321 2.60 20.59 -15.91
CA ARG D 321 2.77 19.73 -14.71
C ARG D 321 4.29 19.54 -14.44
N ASP D 322 5.03 19.30 -15.51
CA ASP D 322 6.48 19.08 -15.36
C ASP D 322 7.15 20.29 -14.76
N ILE D 323 6.74 21.50 -15.17
CA ILE D 323 7.25 22.74 -14.57
C ILE D 323 7.02 22.75 -13.08
N LEU D 324 5.81 22.40 -12.63
CA LEU D 324 5.52 22.41 -11.21
C LEU D 324 6.26 21.28 -10.47
N LEU D 325 6.39 20.14 -11.13
CA LEU D 325 7.14 19.00 -10.57
C LEU D 325 8.62 19.34 -10.35
N GLN D 326 9.22 20.14 -11.25
CA GLN D 326 10.60 20.66 -11.07
C GLN D 326 10.71 21.48 -9.81
N GLY D 327 9.65 22.22 -9.48
CA GLY D 327 9.57 22.94 -8.21
C GLY D 327 9.62 22.03 -6.99
N LEU D 328 8.87 20.94 -7.03
CA LEU D 328 8.89 19.99 -5.93
C LEU D 328 10.29 19.35 -5.79
N LYS D 329 10.90 18.97 -6.91
CA LYS D 329 12.28 18.43 -6.94
C LYS D 329 13.26 19.43 -6.33
N ALA D 330 13.14 20.70 -6.72
CA ALA D 330 14.02 21.76 -6.22
C ALA D 330 13.94 21.96 -4.72
N ILE D 331 12.79 21.73 -4.09
CA ILE D 331 12.69 21.79 -2.63
C ILE D 331 12.92 20.42 -1.93
N GLY D 332 13.39 19.43 -2.66
CA GLY D 332 13.67 18.11 -2.09
C GLY D 332 12.43 17.29 -1.78
N SER D 333 11.36 17.48 -2.55
CA SER D 333 10.12 16.73 -2.34
C SER D 333 9.72 16.03 -3.61
N LYS D 334 8.49 15.54 -3.63
CA LYS D 334 7.95 14.84 -4.78
C LYS D 334 6.43 14.98 -4.72
N ASP D 335 5.77 14.63 -5.81
CA ASP D 335 4.30 14.63 -5.80
C ASP D 335 3.80 13.37 -5.10
N ASP D 336 3.58 13.51 -3.80
CA ASP D 336 3.07 12.45 -2.96
C ASP D 336 1.61 12.73 -2.54
N GLY D 337 0.96 13.69 -3.20
CA GLY D 337 -0.44 14.01 -2.90
C GLY D 337 -0.72 14.67 -1.58
N LYS D 338 0.33 15.04 -0.82
CA LYS D 338 0.15 15.60 0.52
C LYS D 338 0.05 17.12 0.41
N LEU D 339 -1.09 17.69 0.82
CA LEU D 339 -1.29 19.12 0.70
C LEU D 339 -0.62 19.90 1.83
N ASP D 340 -0.31 19.22 2.95
CA ASP D 340 0.34 19.83 4.12
C ASP D 340 -0.38 21.05 4.64
N LEU D 341 -1.69 20.98 4.76
CA LEU D 341 -2.47 22.09 5.31
C LEU D 341 -2.57 22.05 6.84
#